data_7B6Q
#
_entry.id   7B6Q
#
_cell.length_a   58.120
_cell.length_b   58.150
_cell.length_c   74.252
_cell.angle_alpha   96.99
_cell.angle_beta   91.82
_cell.angle_gamma   104.99
#
_symmetry.space_group_name_H-M   'P 1'
#
loop_
_entity.id
_entity.type
_entity.pdbx_description
1 polymer 'UDP-N-acetylmuramoyl-L-alanyl-D-glutamate-2,6-diaminopimelate ligase'
2 non-polymer N-[(furan-2-yl)methyl]-1H-benzimidazol-2-amine
3 non-polymer 'ISOPROPYL ALCOHOL'
4 water water
#
_entity_poly.entity_id   1
_entity_poly.type   'polypeptide(L)'
_entity_poly.pdbx_seq_one_letter_code
;SMADRNLRDLLAPWVPDAPSRALREMTLDSRVAAAGDLFVAVVGHQADGRRYIPQAIAQGVAAIIAEAKDEATDGEIREM
HGVPVIYLSQLNERLSALAGRFYHEPSDNLRLVGVTGTNGKTTTTQLLAQWSQLLGEISAVMGTVGNGLLGKVIPTENTT
GSAVDVQHELAGLVDQGATFCAMEVSSHGLVQHRVAALKFAASVFTNLSRDHLDYHGDMEHYEAAKWLLYSEHHCGQAII
NADDEVGRRWLAKLPDAVAVSMEDHINPNCHGRWLKATEVNYHDSGATIRFSSSWGDGEIESHLMGAFNVSNLLLALATL
LALGYPLADLLKTAARLQPVCGRMEVFTAPGKPTVVVDYAHTPDALEKALQAARLHCAGKLWCVFGCGGDRDKGKRPLMG
AIAEEFADVAVVTDDNPRTEEPRAIINDILAGMLDAGHAKVMEGRAEAVTCAVMQAKENDVVLVAGKGHEDYQIVGNQRL
DYSDRVTVARLLGVIA
;
_entity_poly.pdbx_strand_id   A,B
#
loop_
_chem_comp.id
_chem_comp.type
_chem_comp.name
_chem_comp.formula
IPA non-polymer 'ISOPROPYL ALCOHOL' 'C3 H8 O'
WZD non-polymer N-[(furan-2-yl)methyl]-1H-benzimidazol-2-amine 'C12 H11 N3 O'
#
# COMPACT_ATOMS: atom_id res chain seq x y z
N ARG A 5 -3.26 1.36 -24.33
CA ARG A 5 -1.98 2.11 -24.37
C ARG A 5 -1.99 3.13 -25.51
N ASN A 6 -1.93 4.41 -25.16
CA ASN A 6 -1.97 5.51 -26.10
C ASN A 6 -0.84 6.49 -25.80
N LEU A 7 -0.20 6.98 -26.87
CA LEU A 7 0.91 7.92 -26.80
C LEU A 7 0.54 9.15 -26.02
N ARG A 8 -0.68 9.66 -26.28
CA ARG A 8 -1.18 10.88 -25.66
C ARG A 8 -1.29 10.70 -24.15
N ASP A 9 -1.94 9.62 -23.72
N ASP A 9 -1.94 9.61 -23.72
CA ASP A 9 -2.09 9.28 -22.30
CA ASP A 9 -2.09 9.28 -22.30
C ASP A 9 -0.73 9.00 -21.64
C ASP A 9 -0.74 8.99 -21.64
N LEU A 10 0.09 8.20 -22.32
CA LEU A 10 1.45 7.91 -21.87
C LEU A 10 2.22 9.17 -21.51
N LEU A 11 2.19 10.17 -22.40
CA LEU A 11 2.98 11.37 -22.26
C LEU A 11 2.32 12.51 -21.48
N ALA A 12 1.04 12.35 -21.13
CA ALA A 12 0.24 13.41 -20.51
C ALA A 12 0.91 14.13 -19.35
N PRO A 13 1.59 13.45 -18.41
CA PRO A 13 2.26 14.15 -17.31
C PRO A 13 3.35 15.13 -17.72
N TRP A 14 3.96 14.91 -18.90
CA TRP A 14 5.14 15.67 -19.34
C TRP A 14 4.99 16.44 -20.66
N VAL A 15 4.16 15.93 -21.57
CA VAL A 15 3.95 16.53 -22.89
C VAL A 15 2.44 16.59 -23.17
N PRO A 16 1.77 17.71 -22.84
CA PRO A 16 0.31 17.80 -22.99
C PRO A 16 -0.13 17.82 -24.45
N ASP A 17 0.78 18.24 -25.34
CA ASP A 17 0.48 18.45 -26.75
C ASP A 17 0.37 17.12 -27.54
N ALA A 18 0.90 16.04 -26.97
CA ALA A 18 1.23 14.82 -27.72
C ALA A 18 0.05 14.23 -28.49
N PRO A 19 0.26 13.76 -29.74
CA PRO A 19 -0.82 13.19 -30.54
C PRO A 19 -1.34 11.86 -30.01
N SER A 20 -2.62 11.57 -30.31
CA SER A 20 -3.26 10.32 -29.95
C SER A 20 -2.87 9.23 -30.94
N ARG A 21 -2.29 8.15 -30.43
CA ARG A 21 -1.86 7.01 -31.24
C ARG A 21 -1.85 5.78 -30.33
N ALA A 22 -2.51 4.71 -30.77
CA ALA A 22 -2.50 3.43 -30.06
C ALA A 22 -1.10 2.85 -30.16
N LEU A 23 -0.66 2.21 -29.07
CA LEU A 23 0.69 1.66 -28.96
C LEU A 23 0.62 0.19 -28.57
N ARG A 24 1.52 -0.61 -29.13
CA ARG A 24 1.56 -2.04 -28.89
C ARG A 24 2.50 -2.31 -27.71
N GLU A 25 3.79 -2.52 -28.00
CA GLU A 25 4.83 -2.66 -26.99
C GLU A 25 5.82 -1.51 -27.05
N MET A 26 6.64 -1.43 -26.00
CA MET A 26 7.69 -0.43 -25.84
C MET A 26 9.01 -1.16 -25.95
N THR A 27 9.92 -0.66 -26.81
CA THR A 27 11.23 -1.27 -27.00
C THR A 27 12.34 -0.23 -27.28
N LEU A 28 13.55 -0.54 -26.79
CA LEU A 28 14.77 0.21 -27.05
C LEU A 28 15.53 -0.31 -28.28
N ASP A 29 15.11 -1.46 -28.81
CA ASP A 29 15.84 -2.17 -29.86
C ASP A 29 15.06 -2.10 -31.18
N SER A 30 15.56 -1.28 -32.12
CA SER A 30 14.94 -1.11 -33.44
C SER A 30 14.81 -2.42 -34.23
N ARG A 31 15.67 -3.40 -33.92
CA ARG A 31 15.66 -4.70 -34.58
C ARG A 31 14.33 -5.43 -34.37
N VAL A 32 13.85 -5.47 -33.13
CA VAL A 32 12.62 -6.18 -32.77
C VAL A 32 11.36 -5.31 -32.81
N ALA A 33 11.55 -4.00 -33.04
CA ALA A 33 10.46 -3.04 -33.17
C ALA A 33 9.52 -3.41 -34.32
N ALA A 34 8.28 -3.80 -33.95
CA ALA A 34 7.26 -4.24 -34.90
C ALA A 34 6.16 -3.19 -35.11
N ALA A 35 5.21 -3.50 -35.99
CA ALA A 35 4.08 -2.61 -36.29
C ALA A 35 3.34 -2.24 -35.00
N GLY A 36 3.02 -0.95 -34.86
CA GLY A 36 2.29 -0.42 -33.71
C GLY A 36 3.13 -0.15 -32.45
N ASP A 37 4.40 -0.55 -32.46
CA ASP A 37 5.28 -0.37 -31.31
C ASP A 37 5.65 1.09 -31.04
N LEU A 38 6.05 1.34 -29.80
CA LEU A 38 6.73 2.56 -29.40
C LEU A 38 8.21 2.24 -29.32
N PHE A 39 8.99 2.87 -30.21
CA PHE A 39 10.43 2.76 -30.18
C PHE A 39 10.99 3.92 -29.39
N VAL A 40 11.91 3.62 -28.47
CA VAL A 40 12.53 4.63 -27.63
C VAL A 40 13.99 4.71 -28.00
N ALA A 41 14.40 5.88 -28.51
CA ALA A 41 15.74 6.11 -29.01
C ALA A 41 16.55 6.87 -27.97
N VAL A 42 17.45 6.16 -27.28
CA VAL A 42 18.25 6.69 -26.18
C VAL A 42 19.74 6.74 -26.54
N VAL A 43 20.48 7.64 -25.88
CA VAL A 43 21.92 7.81 -26.06
C VAL A 43 22.61 7.31 -24.80
N GLY A 44 23.59 6.42 -24.97
CA GLY A 44 24.29 5.85 -23.83
C GLY A 44 25.58 5.12 -24.16
N HIS A 45 25.58 3.81 -23.92
CA HIS A 45 26.78 2.97 -23.95
C HIS A 45 27.32 2.81 -25.38
N GLN A 46 28.06 3.83 -25.84
CA GLN A 46 28.73 3.84 -27.13
C GLN A 46 27.76 3.79 -28.34
N ALA A 47 26.48 4.11 -28.09
CA ALA A 47 25.42 3.99 -29.11
C ALA A 47 24.40 5.13 -29.02
N ASP A 48 23.94 5.59 -30.19
CA ASP A 48 22.87 6.57 -30.30
C ASP A 48 21.70 5.91 -31.01
N GLY A 49 20.66 5.56 -30.23
CA GLY A 49 19.43 4.97 -30.75
C GLY A 49 18.72 5.79 -31.83
N ARG A 50 18.96 7.11 -31.83
CA ARG A 50 18.35 8.01 -32.82
C ARG A 50 18.78 7.69 -34.26
N ARG A 51 19.98 7.08 -34.40
CA ARG A 51 20.47 6.56 -35.68
C ARG A 51 19.48 5.56 -36.27
N TYR A 52 18.82 4.78 -35.40
CA TYR A 52 17.91 3.73 -35.85
C TYR A 52 16.46 4.17 -36.04
N ILE A 53 16.20 5.49 -36.02
CA ILE A 53 14.85 6.01 -36.19
C ILE A 53 14.27 5.66 -37.56
N PRO A 54 15.03 5.87 -38.67
CA PRO A 54 14.57 5.44 -39.99
C PRO A 54 14.20 3.96 -40.08
N GLN A 55 15.09 3.09 -39.59
CA GLN A 55 14.86 1.64 -39.53
C GLN A 55 13.56 1.30 -38.81
N ALA A 56 13.39 1.87 -37.61
CA ALA A 56 12.19 1.69 -36.79
C ALA A 56 10.92 2.12 -37.55
N ILE A 57 11.00 3.30 -38.19
CA ILE A 57 9.93 3.82 -39.03
C ILE A 57 9.57 2.87 -40.19
N ALA A 58 10.61 2.31 -40.83
CA ALA A 58 10.44 1.37 -41.94
C ALA A 58 9.74 0.08 -41.50
N GLN A 59 9.97 -0.31 -40.24
CA GLN A 59 9.30 -1.47 -39.63
C GLN A 59 7.88 -1.18 -39.12
N GLY A 60 7.45 0.09 -39.24
CA GLY A 60 6.08 0.50 -38.98
C GLY A 60 5.71 0.74 -37.53
N VAL A 61 6.67 1.21 -36.72
CA VAL A 61 6.37 1.65 -35.35
C VAL A 61 5.30 2.75 -35.42
N ALA A 62 4.41 2.78 -34.41
CA ALA A 62 3.36 3.77 -34.29
C ALA A 62 3.90 5.13 -33.83
N ALA A 63 4.96 5.12 -33.03
CA ALA A 63 5.54 6.35 -32.48
C ALA A 63 6.96 6.14 -31.96
N ILE A 64 7.67 7.26 -31.80
CA ILE A 64 9.04 7.30 -31.35
C ILE A 64 9.20 8.37 -30.28
N ILE A 65 9.87 7.99 -29.20
CA ILE A 65 10.34 8.93 -28.18
C ILE A 65 11.86 8.91 -28.22
N ALA A 66 12.47 10.10 -28.32
CA ALA A 66 13.89 10.26 -28.59
C ALA A 66 14.57 11.25 -27.64
N GLU A 67 15.86 10.99 -27.36
CA GLU A 67 16.69 11.90 -26.60
C GLU A 67 16.77 13.23 -27.34
N ALA A 68 16.50 14.33 -26.62
CA ALA A 68 16.44 15.66 -27.20
C ALA A 68 17.83 16.31 -27.37
N LYS A 69 18.83 15.81 -26.62
CA LYS A 69 20.16 16.40 -26.55
C LYS A 69 20.78 16.65 -27.93
N ASP A 70 21.03 17.94 -28.24
CA ASP A 70 21.66 18.41 -29.48
C ASP A 70 20.80 18.34 -30.74
N GLU A 71 19.54 17.89 -30.60
CA GLU A 71 18.65 17.71 -31.73
C GLU A 71 17.31 18.46 -31.61
N ALA A 72 16.84 18.66 -30.37
CA ALA A 72 15.55 19.29 -30.12
C ALA A 72 15.41 19.80 -28.69
N THR A 73 14.28 20.47 -28.43
CA THR A 73 13.92 20.93 -27.10
C THR A 73 13.02 19.87 -26.44
N ASP A 74 12.96 19.91 -25.09
CA ASP A 74 12.18 18.98 -24.30
C ASP A 74 10.70 19.11 -24.63
N GLY A 75 10.06 17.98 -24.94
CA GLY A 75 8.66 17.94 -25.32
C GLY A 75 8.37 18.38 -26.74
N GLU A 76 9.43 18.62 -27.54
CA GLU A 76 9.25 19.00 -28.93
C GLU A 76 8.68 17.81 -29.69
N ILE A 77 7.58 18.05 -30.40
CA ILE A 77 6.86 17.07 -31.20
C ILE A 77 7.18 17.28 -32.67
N ARG A 78 7.73 16.25 -33.31
CA ARG A 78 7.96 16.24 -34.75
C ARG A 78 7.24 15.05 -35.38
N GLU A 79 7.21 15.02 -36.70
CA GLU A 79 6.51 14.02 -37.48
C GLU A 79 7.40 13.63 -38.65
N MET A 80 7.61 12.32 -38.84
CA MET A 80 8.44 11.79 -39.93
C MET A 80 7.77 10.55 -40.54
N HIS A 81 7.53 10.58 -41.86
CA HIS A 81 6.81 9.52 -42.58
C HIS A 81 5.39 9.27 -42.02
N GLY A 82 4.83 10.30 -41.36
CA GLY A 82 3.54 10.22 -40.69
C GLY A 82 3.59 9.65 -39.28
N VAL A 83 4.80 9.36 -38.79
CA VAL A 83 5.03 8.79 -37.48
C VAL A 83 5.49 9.88 -36.53
N PRO A 84 4.79 10.11 -35.39
CA PRO A 84 5.21 11.15 -34.44
C PRO A 84 6.54 10.76 -33.78
N VAL A 85 7.46 11.72 -33.71
CA VAL A 85 8.72 11.59 -33.01
C VAL A 85 8.71 12.68 -31.94
N ILE A 86 8.69 12.26 -30.67
CA ILE A 86 8.64 13.18 -29.55
C ILE A 86 9.95 13.14 -28.79
N TYR A 87 10.54 14.33 -28.59
CA TYR A 87 11.84 14.47 -27.94
C TYR A 87 11.72 14.83 -26.47
N LEU A 88 12.53 14.16 -25.64
CA LEU A 88 12.61 14.38 -24.21
C LEU A 88 14.07 14.49 -23.77
N SER A 89 14.36 15.49 -22.94
N SER A 89 14.36 15.49 -22.94
CA SER A 89 15.67 15.68 -22.34
CA SER A 89 15.67 15.68 -22.35
C SER A 89 15.85 14.69 -21.20
C SER A 89 15.85 14.70 -21.19
N GLN A 90 17.09 14.30 -20.94
CA GLN A 90 17.43 13.36 -19.85
C GLN A 90 16.58 12.09 -19.93
N LEU A 91 16.47 11.53 -21.13
CA LEU A 91 15.64 10.36 -21.39
C LEU A 91 16.08 9.15 -20.60
N ASN A 92 17.40 8.95 -20.47
CA ASN A 92 17.96 7.88 -19.63
C ASN A 92 17.49 7.94 -18.18
N GLU A 93 17.45 9.16 -17.61
CA GLU A 93 17.00 9.37 -16.24
C GLU A 93 15.50 9.11 -16.08
N ARG A 94 14.73 9.37 -17.14
CA ARG A 94 13.26 9.32 -17.09
C ARG A 94 12.66 8.05 -17.67
N LEU A 95 13.50 7.17 -18.21
CA LEU A 95 13.04 5.97 -18.90
C LEU A 95 12.22 5.07 -17.97
N SER A 96 12.69 4.92 -16.72
CA SER A 96 11.97 4.14 -15.74
C SER A 96 10.54 4.66 -15.54
N ALA A 97 10.41 5.99 -15.36
CA ALA A 97 9.11 6.62 -15.18
C ALA A 97 8.23 6.39 -16.42
N LEU A 98 8.82 6.53 -17.61
CA LEU A 98 8.08 6.42 -18.87
C LEU A 98 7.54 4.99 -18.99
N ALA A 99 8.42 4.01 -18.78
CA ALA A 99 8.04 2.60 -18.83
C ALA A 99 7.04 2.25 -17.72
N GLY A 100 7.22 2.82 -16.53
CA GLY A 100 6.30 2.61 -15.41
C GLY A 100 4.88 2.93 -15.84
N ARG A 101 4.71 4.12 -16.42
CA ARG A 101 3.40 4.59 -16.88
C ARG A 101 2.85 3.71 -17.99
N PHE A 102 3.71 3.35 -18.95
CA PHE A 102 3.37 2.46 -20.06
C PHE A 102 2.77 1.15 -19.54
N TYR A 103 3.41 0.58 -18.51
CA TYR A 103 3.02 -0.73 -18.00
C TYR A 103 2.09 -0.68 -16.80
N HIS A 104 1.41 0.46 -16.63
CA HIS A 104 0.40 0.67 -15.59
C HIS A 104 0.96 0.53 -14.17
N GLU A 105 2.18 1.06 -13.96
CA GLU A 105 2.74 1.25 -12.61
C GLU A 105 2.70 -0.03 -11.79
N PRO A 106 3.40 -1.09 -12.23
CA PRO A 106 3.35 -2.38 -11.54
C PRO A 106 3.81 -2.35 -10.07
N SER A 107 4.75 -1.47 -9.71
CA SER A 107 5.22 -1.39 -8.32
C SER A 107 4.23 -0.67 -7.40
N ASP A 108 3.23 0.02 -7.98
CA ASP A 108 2.07 0.55 -7.24
C ASP A 108 0.98 -0.51 -7.04
N ASN A 109 1.14 -1.69 -7.67
CA ASN A 109 0.13 -2.76 -7.66
C ASN A 109 0.61 -4.09 -7.04
N LEU A 110 1.78 -4.05 -6.38
CA LEU A 110 2.24 -5.14 -5.52
C LEU A 110 3.17 -4.49 -4.51
N ARG A 111 3.54 -5.24 -3.46
N ARG A 111 3.54 -5.25 -3.47
CA ARG A 111 4.49 -4.78 -2.45
CA ARG A 111 4.49 -4.79 -2.46
C ARG A 111 5.89 -5.17 -2.92
C ARG A 111 5.89 -5.17 -2.93
N LEU A 112 6.68 -4.16 -3.31
CA LEU A 112 8.03 -4.34 -3.84
C LEU A 112 9.06 -4.01 -2.78
N VAL A 113 9.91 -4.98 -2.47
CA VAL A 113 10.99 -4.78 -1.55
C VAL A 113 12.29 -4.94 -2.30
N GLY A 114 13.14 -3.90 -2.22
CA GLY A 114 14.45 -3.86 -2.83
C GLY A 114 15.52 -4.20 -1.82
N VAL A 115 16.46 -5.07 -2.22
CA VAL A 115 17.61 -5.44 -1.38
C VAL A 115 18.89 -5.09 -2.13
N THR A 116 19.74 -4.26 -1.48
CA THR A 116 21.06 -3.88 -1.96
C THR A 116 22.17 -4.23 -0.98
N GLY A 117 23.37 -4.44 -1.52
CA GLY A 117 24.59 -4.72 -0.76
C GLY A 117 25.44 -5.70 -1.55
N THR A 118 26.63 -6.02 -1.01
CA THR A 118 27.59 -6.90 -1.66
C THR A 118 27.14 -8.34 -1.60
N ASN A 119 26.81 -8.80 -0.39
CA ASN A 119 26.44 -10.18 -0.11
C ASN A 119 25.07 -10.26 0.51
N GLY A 120 24.49 -11.45 0.50
CA GLY A 120 23.21 -11.73 1.12
C GLY A 120 21.96 -11.28 0.36
N LYS A 121 22.15 -10.67 -0.82
N LYS A 121 22.16 -10.69 -0.83
CA LYS A 121 21.02 -10.18 -1.62
CA LYS A 121 21.08 -10.17 -1.65
C LYS A 121 20.12 -11.30 -2.04
C LYS A 121 20.13 -11.29 -2.06
N THR A 122 20.70 -12.37 -2.61
CA THR A 122 19.90 -13.49 -3.07
C THR A 122 19.16 -14.17 -1.95
N THR A 123 19.86 -14.44 -0.85
CA THR A 123 19.25 -15.11 0.27
C THR A 123 18.20 -14.23 0.90
N THR A 124 18.51 -12.96 1.09
CA THR A 124 17.53 -12.07 1.75
C THR A 124 16.25 -11.91 0.92
N THR A 125 16.39 -11.71 -0.40
CA THR A 125 15.23 -11.64 -1.31
C THR A 125 14.42 -12.93 -1.27
N GLN A 126 15.12 -14.08 -1.28
CA GLN A 126 14.45 -15.36 -1.21
C GLN A 126 13.66 -15.52 0.10
N LEU A 127 14.28 -15.13 1.21
CA LEU A 127 13.60 -15.21 2.50
C LEU A 127 12.37 -14.29 2.55
N LEU A 128 12.51 -13.06 2.03
CA LEU A 128 11.40 -12.11 1.97
C LEU A 128 10.23 -12.69 1.16
N ALA A 129 10.54 -13.28 -0.01
CA ALA A 129 9.53 -13.89 -0.85
C ALA A 129 8.85 -15.07 -0.15
N GLN A 130 9.66 -15.99 0.40
CA GLN A 130 9.14 -17.18 1.08
C GLN A 130 8.25 -16.82 2.24
N TRP A 131 8.74 -15.90 3.08
CA TRP A 131 8.09 -15.60 4.36
C TRP A 131 6.76 -14.89 4.10
N SER A 132 6.79 -13.88 3.21
CA SER A 132 5.58 -13.17 2.83
C SER A 132 4.54 -14.14 2.25
N GLN A 133 4.99 -15.14 1.49
CA GLN A 133 4.07 -16.10 0.89
C GLN A 133 3.45 -17.01 1.95
N LEU A 134 4.27 -17.47 2.91
CA LEU A 134 3.78 -18.19 4.08
C LEU A 134 2.72 -17.43 4.83
N LEU A 135 2.76 -16.09 4.75
CA LEU A 135 1.78 -15.22 5.40
C LEU A 135 0.59 -14.89 4.50
N GLY A 136 0.56 -15.49 3.30
CA GLY A 136 -0.60 -15.41 2.41
C GLY A 136 -0.45 -14.55 1.16
N GLU A 137 0.73 -13.95 0.94
CA GLU A 137 1.00 -13.25 -0.33
C GLU A 137 1.22 -14.28 -1.45
N ILE A 138 1.08 -13.84 -2.69
CA ILE A 138 1.62 -14.58 -3.82
C ILE A 138 2.91 -13.86 -4.19
N SER A 139 4.04 -14.52 -3.88
CA SER A 139 5.33 -13.86 -3.91
C SER A 139 6.16 -14.20 -5.11
N ALA A 140 7.06 -13.29 -5.44
CA ALA A 140 7.94 -13.40 -6.59
C ALA A 140 9.29 -12.82 -6.26
N VAL A 141 10.30 -13.17 -7.08
CA VAL A 141 11.64 -12.66 -6.92
C VAL A 141 12.10 -12.13 -8.25
N MET A 142 12.94 -11.09 -8.20
CA MET A 142 13.68 -10.62 -9.34
C MET A 142 15.12 -10.48 -8.89
N GLY A 143 16.01 -11.26 -9.49
CA GLY A 143 17.38 -11.35 -9.02
C GLY A 143 18.27 -12.21 -9.88
N THR A 144 19.42 -12.60 -9.31
CA THR A 144 20.54 -13.17 -10.05
C THR A 144 20.26 -14.59 -10.57
N VAL A 145 19.52 -15.38 -9.77
CA VAL A 145 19.06 -16.70 -10.22
C VAL A 145 17.94 -16.58 -11.27
N GLY A 146 17.33 -15.39 -11.38
CA GLY A 146 16.33 -15.09 -12.41
C GLY A 146 15.10 -14.36 -11.88
N ASN A 147 14.00 -14.46 -12.64
CA ASN A 147 12.74 -13.79 -12.32
C ASN A 147 11.56 -14.75 -12.32
N GLY A 148 10.64 -14.57 -11.38
CA GLY A 148 9.36 -15.25 -11.43
C GLY A 148 8.69 -15.44 -10.09
N LEU A 149 7.46 -15.95 -10.15
CA LEU A 149 6.74 -16.38 -8.97
C LEU A 149 7.58 -17.43 -8.29
N LEU A 150 7.50 -17.47 -6.96
CA LEU A 150 8.29 -18.42 -6.16
C LEU A 150 8.08 -19.85 -6.69
N GLY A 151 9.17 -20.59 -6.88
CA GLY A 151 9.14 -21.93 -7.44
C GLY A 151 9.12 -22.01 -8.97
N LYS A 152 9.01 -20.84 -9.63
CA LYS A 152 8.91 -20.75 -11.08
C LYS A 152 9.82 -19.65 -11.62
N VAL A 153 11.03 -19.57 -11.07
CA VAL A 153 11.99 -18.54 -11.45
C VAL A 153 12.66 -18.88 -12.79
N ILE A 154 12.48 -18.00 -13.78
CA ILE A 154 13.04 -18.12 -15.12
C ILE A 154 14.41 -17.45 -15.13
N PRO A 155 15.51 -18.17 -15.48
CA PRO A 155 16.86 -17.58 -15.52
C PRO A 155 17.02 -16.31 -16.37
N GLY A 161 19.41 -5.81 -18.89
CA GLY A 161 18.16 -5.40 -18.28
C GLY A 161 18.05 -3.90 -18.10
N SER A 162 17.40 -3.22 -19.07
CA SER A 162 17.16 -1.78 -19.01
C SER A 162 16.02 -1.42 -18.06
N ALA A 163 15.81 -0.12 -17.85
CA ALA A 163 14.69 0.37 -17.05
C ALA A 163 13.35 -0.08 -17.62
N VAL A 164 13.30 -0.27 -18.95
CA VAL A 164 12.10 -0.75 -19.61
C VAL A 164 11.84 -2.21 -19.26
N ASP A 165 12.89 -3.04 -19.38
CA ASP A 165 12.81 -4.48 -19.04
C ASP A 165 12.34 -4.72 -17.61
N VAL A 166 12.84 -3.89 -16.67
CA VAL A 166 12.51 -4.02 -15.25
C VAL A 166 11.01 -3.82 -15.08
N GLN A 167 10.49 -2.75 -15.67
CA GLN A 167 9.07 -2.43 -15.54
C GLN A 167 8.20 -3.48 -16.22
N HIS A 168 8.63 -3.92 -17.42
CA HIS A 168 7.95 -4.96 -18.19
C HIS A 168 7.85 -6.26 -17.38
N GLU A 169 8.97 -6.69 -16.78
CA GLU A 169 9.04 -7.92 -16.00
C GLU A 169 8.14 -7.81 -14.76
N LEU A 170 8.18 -6.65 -14.09
CA LEU A 170 7.36 -6.44 -12.90
C LEU A 170 5.87 -6.52 -13.27
N ALA A 171 5.53 -5.96 -14.44
CA ALA A 171 4.16 -6.01 -14.96
C ALA A 171 3.73 -7.45 -15.27
N GLY A 172 4.64 -8.23 -15.86
CA GLY A 172 4.42 -9.66 -16.06
C GLY A 172 4.10 -10.41 -14.77
N LEU A 173 4.84 -10.09 -13.71
CA LEU A 173 4.57 -10.67 -12.40
C LEU A 173 3.20 -10.23 -11.85
N VAL A 174 2.87 -8.94 -12.01
CA VAL A 174 1.57 -8.45 -11.60
C VAL A 174 0.48 -9.24 -12.34
N ASP A 175 0.66 -9.42 -13.66
CA ASP A 175 -0.26 -10.16 -14.51
C ASP A 175 -0.46 -11.61 -14.11
N GLN A 176 0.58 -12.22 -13.54
CA GLN A 176 0.52 -13.60 -13.05
C GLN A 176 -0.08 -13.72 -11.64
N GLY A 177 -0.45 -12.59 -11.01
CA GLY A 177 -1.08 -12.56 -9.71
C GLY A 177 -0.20 -12.29 -8.50
N ALA A 178 1.07 -11.98 -8.75
CA ALA A 178 2.02 -11.64 -7.69
C ALA A 178 1.54 -10.42 -6.90
N THR A 179 1.50 -10.56 -5.57
CA THR A 179 1.17 -9.47 -4.65
C THR A 179 2.39 -8.93 -3.89
N PHE A 180 3.53 -9.63 -4.02
CA PHE A 180 4.75 -9.26 -3.32
C PHE A 180 5.92 -9.66 -4.22
N CYS A 181 6.88 -8.76 -4.36
CA CYS A 181 8.10 -9.05 -5.09
C CYS A 181 9.32 -8.58 -4.31
N ALA A 182 10.28 -9.48 -4.14
CA ALA A 182 11.57 -9.15 -3.58
C ALA A 182 12.58 -9.10 -4.71
N MET A 183 13.22 -7.92 -4.86
CA MET A 183 14.11 -7.60 -5.95
C MET A 183 15.52 -7.32 -5.47
N GLU A 184 16.50 -8.04 -6.03
CA GLU A 184 17.89 -7.71 -5.85
C GLU A 184 18.18 -6.48 -6.70
N VAL A 185 18.74 -5.44 -6.08
CA VAL A 185 19.09 -4.22 -6.75
C VAL A 185 20.61 -4.03 -6.67
N SER A 186 21.27 -4.06 -7.83
CA SER A 186 22.72 -3.82 -7.94
C SER A 186 23.06 -2.35 -7.89
N SER A 187 24.26 -2.04 -7.37
CA SER A 187 24.77 -0.67 -7.37
C SER A 187 24.80 -0.11 -8.78
N HIS A 188 25.22 -0.93 -9.74
CA HIS A 188 25.27 -0.55 -11.16
C HIS A 188 23.86 -0.22 -11.70
N GLY A 189 22.89 -1.08 -11.37
CA GLY A 189 21.48 -0.85 -11.67
C GLY A 189 20.98 0.51 -11.17
N LEU A 190 21.26 0.84 -9.91
CA LEU A 190 20.88 2.11 -9.32
C LEU A 190 21.44 3.31 -10.06
N VAL A 191 22.76 3.27 -10.30
CA VAL A 191 23.48 4.38 -10.94
C VAL A 191 23.02 4.60 -12.38
N GLN A 192 22.60 3.54 -13.06
CA GLN A 192 22.13 3.62 -14.44
C GLN A 192 20.63 3.89 -14.54
N HIS A 193 19.99 4.19 -13.40
CA HIS A 193 18.59 4.59 -13.33
C HIS A 193 17.62 3.50 -13.76
N ARG A 194 18.01 2.24 -13.53
CA ARG A 194 17.20 1.09 -13.94
C ARG A 194 16.03 0.81 -13.02
N VAL A 195 16.02 1.42 -11.82
CA VAL A 195 14.89 1.31 -10.91
C VAL A 195 14.40 2.68 -10.44
N ALA A 196 14.72 3.72 -11.21
CA ALA A 196 14.49 5.10 -10.78
C ALA A 196 13.03 5.43 -10.38
N ALA A 197 12.04 4.91 -11.10
CA ALA A 197 10.62 5.23 -10.81
C ALA A 197 9.85 4.16 -10.03
N LEU A 198 10.54 3.13 -9.56
CA LEU A 198 9.88 2.08 -8.82
C LEU A 198 9.50 2.59 -7.43
N LYS A 199 8.27 2.27 -7.01
CA LYS A 199 7.80 2.54 -5.68
C LYS A 199 8.18 1.35 -4.81
N PHE A 200 9.31 1.47 -4.11
CA PHE A 200 9.69 0.42 -3.17
C PHE A 200 8.89 0.59 -1.88
N ALA A 201 8.24 -0.48 -1.44
CA ALA A 201 7.61 -0.51 -0.12
C ALA A 201 8.68 -0.48 0.97
N ALA A 202 9.79 -1.17 0.72
CA ALA A 202 10.92 -1.15 1.64
C ALA A 202 12.20 -1.37 0.88
N SER A 203 13.30 -0.89 1.49
CA SER A 203 14.65 -0.98 0.97
C SER A 203 15.55 -1.53 2.06
N VAL A 204 16.25 -2.62 1.74
CA VAL A 204 17.07 -3.35 2.70
C VAL A 204 18.53 -3.21 2.28
N PHE A 205 19.38 -2.85 3.24
CA PHE A 205 20.84 -2.83 3.06
C PHE A 205 21.47 -3.94 3.88
N THR A 206 22.17 -4.85 3.21
CA THR A 206 22.81 -6.00 3.86
C THR A 206 24.24 -5.68 4.36
N ASN A 207 25.10 -5.19 3.47
CA ASN A 207 26.53 -4.95 3.74
C ASN A 207 27.27 -4.37 2.53
N GLY A 217 38.41 11.80 1.60
CA GLY A 217 38.88 11.68 0.25
C GLY A 217 37.81 11.09 -0.65
N ASP A 218 38.08 9.89 -1.18
CA ASP A 218 37.20 9.19 -2.10
C ASP A 218 35.85 8.84 -1.47
N MET A 219 35.89 8.34 -0.22
CA MET A 219 34.69 7.95 0.53
C MET A 219 33.62 9.05 0.52
N GLU A 220 34.05 10.32 0.61
CA GLU A 220 33.11 11.44 0.62
C GLU A 220 32.34 11.57 -0.70
N HIS A 221 33.04 11.41 -1.84
CA HIS A 221 32.37 11.52 -3.14
C HIS A 221 31.43 10.37 -3.38
N TYR A 222 31.89 9.16 -3.00
CA TYR A 222 31.11 7.93 -3.15
C TYR A 222 29.79 8.02 -2.40
N GLU A 223 29.88 8.36 -1.10
CA GLU A 223 28.71 8.52 -0.26
C GLU A 223 27.82 9.64 -0.75
N ALA A 224 28.42 10.75 -1.22
CA ALA A 224 27.66 11.90 -1.71
C ALA A 224 26.81 11.50 -2.90
N ALA A 225 27.44 10.81 -3.86
CA ALA A 225 26.75 10.28 -5.03
C ALA A 225 25.61 9.32 -4.64
N LYS A 226 25.87 8.46 -3.64
CA LYS A 226 24.87 7.51 -3.16
C LYS A 226 23.70 8.17 -2.44
N TRP A 227 23.99 9.09 -1.52
CA TRP A 227 22.94 9.85 -0.83
C TRP A 227 22.05 10.59 -1.83
N LEU A 228 22.68 11.21 -2.82
CA LEU A 228 21.98 11.95 -3.86
C LEU A 228 20.99 11.03 -4.55
N LEU A 229 21.51 9.91 -5.05
CA LEU A 229 20.72 8.90 -5.77
C LEU A 229 19.58 8.42 -4.91
N TYR A 230 19.89 8.17 -3.62
CA TYR A 230 18.90 7.69 -2.66
C TYR A 230 17.75 8.70 -2.51
N SER A 231 18.10 9.98 -2.43
CA SER A 231 17.15 11.07 -2.26
C SER A 231 16.16 11.20 -3.43
N GLU A 232 16.58 10.70 -4.61
CA GLU A 232 15.76 10.73 -5.82
C GLU A 232 14.86 9.50 -5.99
N HIS A 233 15.07 8.46 -5.17
CA HIS A 233 14.27 7.24 -5.25
C HIS A 233 13.17 7.21 -4.20
N HIS A 234 12.13 6.41 -4.46
CA HIS A 234 11.06 6.12 -3.54
C HIS A 234 11.44 4.82 -2.82
N CYS A 235 12.14 4.97 -1.70
CA CYS A 235 12.79 3.84 -1.02
C CYS A 235 11.88 3.16 -0.01
N GLY A 236 10.79 3.84 0.38
CA GLY A 236 9.88 3.32 1.40
C GLY A 236 10.61 3.17 2.71
N GLN A 237 10.25 2.13 3.47
CA GLN A 237 10.88 1.87 4.76
C GLN A 237 12.29 1.33 4.56
N ALA A 238 13.24 1.93 5.26
CA ALA A 238 14.64 1.57 5.18
C ALA A 238 14.97 0.62 6.33
N ILE A 239 15.54 -0.53 5.97
CA ILE A 239 15.95 -1.54 6.92
C ILE A 239 17.44 -1.75 6.69
N ILE A 240 18.25 -1.47 7.70
CA ILE A 240 19.70 -1.40 7.56
C ILE A 240 20.41 -2.25 8.58
N ASN A 241 21.37 -3.05 8.08
CA ASN A 241 22.28 -3.79 8.91
C ASN A 241 23.23 -2.85 9.63
N ALA A 242 23.03 -2.71 10.95
CA ALA A 242 23.88 -1.90 11.82
C ALA A 242 25.21 -2.57 12.19
N ASP A 243 25.41 -3.81 11.79
CA ASP A 243 26.68 -4.51 12.01
C ASP A 243 27.69 -4.14 10.94
N ASP A 244 27.24 -3.47 9.88
CA ASP A 244 28.10 -2.93 8.84
C ASP A 244 28.43 -1.48 9.13
N GLU A 245 29.72 -1.13 9.00
CA GLU A 245 30.21 0.22 9.25
C GLU A 245 29.49 1.28 8.40
N VAL A 246 29.27 0.95 7.11
CA VAL A 246 28.55 1.84 6.20
C VAL A 246 27.08 1.96 6.62
N GLY A 247 26.46 0.82 6.95
CA GLY A 247 25.14 0.77 7.52
C GLY A 247 24.93 1.72 8.69
N ARG A 248 25.89 1.75 9.62
N ARG A 248 25.89 1.75 9.62
CA ARG A 248 25.81 2.62 10.80
CA ARG A 248 25.80 2.63 10.79
C ARG A 248 25.82 4.11 10.41
C ARG A 248 25.82 4.11 10.41
N ARG A 249 26.63 4.47 9.40
CA ARG A 249 26.71 5.84 8.93
C ARG A 249 25.37 6.30 8.32
N TRP A 250 24.72 5.41 7.56
CA TRP A 250 23.42 5.72 6.98
C TRP A 250 22.34 5.85 8.05
N LEU A 251 22.33 4.92 9.01
CA LEU A 251 21.39 4.97 10.15
C LEU A 251 21.46 6.27 10.93
N ALA A 252 22.68 6.81 11.07
CA ALA A 252 22.90 8.07 11.81
C ALA A 252 22.06 9.24 11.25
N LYS A 253 21.79 9.20 9.94
CA LYS A 253 21.07 10.24 9.21
C LYS A 253 19.62 9.88 8.83
N LEU A 254 19.17 8.69 9.21
CA LEU A 254 17.85 8.17 8.90
C LEU A 254 17.14 7.73 10.17
N PRO A 255 16.49 8.66 10.91
CA PRO A 255 15.87 8.31 12.20
C PRO A 255 14.64 7.41 12.08
N ASP A 256 14.01 7.36 10.89
CA ASP A 256 12.88 6.49 10.63
C ASP A 256 13.27 5.09 10.13
N ALA A 257 14.57 4.83 9.94
CA ALA A 257 15.07 3.55 9.42
C ALA A 257 15.05 2.55 10.57
N VAL A 258 14.95 1.26 10.23
CA VAL A 258 15.04 0.19 11.20
C VAL A 258 16.49 -0.33 11.28
N ALA A 259 17.06 -0.30 12.49
CA ALA A 259 18.41 -0.81 12.70
C ALA A 259 18.33 -2.29 13.06
N VAL A 260 19.16 -3.11 12.41
CA VAL A 260 19.21 -4.56 12.63
C VAL A 260 20.64 -4.96 13.02
N SER A 261 20.78 -5.72 14.10
CA SER A 261 22.08 -6.18 14.59
C SER A 261 22.05 -7.57 15.22
N MET A 262 23.14 -8.31 15.05
CA MET A 262 23.39 -9.52 15.84
C MET A 262 24.68 -9.40 16.64
N GLU A 263 25.26 -8.18 16.68
CA GLU A 263 26.57 -7.90 17.30
C GLU A 263 26.67 -6.64 18.15
N ASP A 264 25.59 -6.27 18.84
CA ASP A 264 25.59 -5.17 19.81
C ASP A 264 25.69 -3.73 19.25
N HIS A 265 25.25 -3.51 18.01
CA HIS A 265 25.36 -2.20 17.37
C HIS A 265 24.09 -1.36 17.39
N ILE A 266 22.99 -1.92 17.90
CA ILE A 266 21.80 -1.13 18.19
C ILE A 266 22.15 -0.12 19.27
N ASN A 267 21.90 1.17 18.98
CA ASN A 267 22.02 2.24 19.94
C ASN A 267 20.60 2.68 20.32
N PRO A 268 20.04 2.15 21.44
CA PRO A 268 18.64 2.39 21.78
C PRO A 268 18.27 3.84 22.15
N ASN A 269 19.27 4.67 22.47
CA ASN A 269 19.05 6.12 22.68
C ASN A 269 18.29 6.81 21.53
N CYS A 270 18.32 6.22 20.33
N CYS A 270 18.41 6.21 20.33
CA CYS A 270 17.57 6.73 19.17
CA CYS A 270 17.76 6.59 19.08
C CYS A 270 16.03 6.75 19.36
C CYS A 270 17.49 5.32 18.24
N HIS A 271 15.53 5.78 20.13
N HIS A 271 18.16 5.23 17.09
CA HIS A 271 14.10 5.54 20.32
CA HIS A 271 17.94 4.15 16.11
C HIS A 271 13.46 5.20 18.97
C HIS A 271 16.45 3.89 15.89
N GLY A 272 14.32 4.89 18.00
N GLY A 272 15.62 4.49 16.74
CA GLY A 272 13.88 4.47 16.69
CA GLY A 272 14.16 4.41 16.65
C GLY A 272 13.50 3.01 16.76
C GLY A 272 13.59 3.01 16.76
N ARG A 273 13.32 2.40 15.60
CA ARG A 273 12.91 1.03 15.50
C ARG A 273 14.15 0.18 15.32
N TRP A 274 14.18 -0.97 15.99
CA TRP A 274 15.34 -1.86 15.95
C TRP A 274 14.96 -3.31 16.18
N LEU A 275 15.90 -4.19 15.84
CA LEU A 275 15.78 -5.62 16.02
C LEU A 275 17.19 -6.17 16.19
N LYS A 276 17.39 -6.93 17.28
CA LYS A 276 18.71 -7.46 17.58
C LYS A 276 18.63 -8.89 18.06
N ALA A 277 19.52 -9.73 17.52
CA ALA A 277 19.73 -11.06 18.07
C ALA A 277 20.47 -10.87 19.40
N THR A 278 19.90 -11.42 20.48
CA THR A 278 20.50 -11.36 21.81
C THR A 278 21.36 -12.59 22.09
N GLU A 279 20.95 -13.75 21.54
CA GLU A 279 21.75 -14.99 21.60
C GLU A 279 21.45 -15.86 20.38
N VAL A 280 22.50 -16.50 19.86
CA VAL A 280 22.37 -17.46 18.80
C VAL A 280 23.05 -18.72 19.23
N ASN A 281 22.33 -19.84 19.17
CA ASN A 281 22.92 -21.18 19.30
C ASN A 281 23.01 -21.83 17.90
N TYR A 282 24.25 -22.01 17.43
CA TYR A 282 24.53 -22.65 16.16
C TYR A 282 24.67 -24.15 16.45
N HIS A 283 23.72 -24.95 15.96
CA HIS A 283 23.63 -26.37 16.25
C HIS A 283 23.71 -27.15 14.94
N ASP A 284 23.50 -28.46 15.01
CA ASP A 284 23.82 -29.35 13.91
C ASP A 284 22.81 -29.32 12.74
N SER A 285 21.68 -28.63 12.91
CA SER A 285 20.67 -28.52 11.86
C SER A 285 20.15 -27.11 11.58
N GLY A 286 20.84 -26.10 12.12
CA GLY A 286 20.48 -24.71 11.94
C GLY A 286 20.93 -23.84 13.09
N ALA A 287 20.16 -22.79 13.36
CA ALA A 287 20.45 -21.85 14.42
C ALA A 287 19.18 -21.44 15.14
N THR A 288 19.27 -21.44 16.47
CA THR A 288 18.23 -20.99 17.36
C THR A 288 18.59 -19.55 17.68
N ILE A 289 17.72 -18.63 17.27
CA ILE A 289 17.99 -17.20 17.33
C ILE A 289 17.00 -16.58 18.30
N ARG A 290 17.53 -16.04 19.40
CA ARG A 290 16.74 -15.26 20.35
C ARG A 290 16.97 -13.81 20.01
N PHE A 291 15.88 -13.04 19.95
CA PHE A 291 15.94 -11.64 19.56
C PHE A 291 15.00 -10.77 20.36
N SER A 292 15.35 -9.49 20.46
N SER A 292 15.34 -9.48 20.45
CA SER A 292 14.45 -8.44 20.97
CA SER A 292 14.44 -8.44 20.96
C SER A 292 14.25 -7.42 19.83
C SER A 292 14.25 -7.43 19.84
N SER A 293 13.12 -6.72 19.88
CA SER A 293 12.78 -5.72 18.89
C SER A 293 11.74 -4.76 19.43
N SER A 294 11.58 -3.63 18.75
N SER A 294 11.58 -3.64 18.73
CA SER A 294 10.54 -2.68 19.10
CA SER A 294 10.54 -2.66 18.98
C SER A 294 9.12 -3.22 18.84
C SER A 294 9.12 -3.22 18.84
N TRP A 295 9.00 -4.37 18.15
CA TRP A 295 7.72 -5.04 17.95
C TRP A 295 7.48 -6.14 18.98
N GLY A 296 8.46 -6.38 19.85
CA GLY A 296 8.46 -7.49 20.79
C GLY A 296 9.54 -8.51 20.51
N ASP A 297 9.59 -9.51 21.38
CA ASP A 297 10.68 -10.47 21.47
C ASP A 297 10.22 -11.86 21.06
N GLY A 298 11.20 -12.71 20.74
CA GLY A 298 10.90 -14.05 20.29
C GLY A 298 12.09 -14.93 20.13
N GLU A 299 11.81 -16.13 19.62
CA GLU A 299 12.80 -17.12 19.36
C GLU A 299 12.41 -17.76 18.04
N ILE A 300 13.39 -17.84 17.12
CA ILE A 300 13.20 -18.44 15.80
C ILE A 300 14.15 -19.62 15.67
N GLU A 301 13.61 -20.73 15.14
CA GLU A 301 14.38 -21.89 14.75
C GLU A 301 14.62 -21.78 13.24
N SER A 302 15.82 -21.32 12.88
CA SER A 302 16.25 -21.21 11.49
C SER A 302 16.88 -22.51 11.05
N HIS A 303 16.59 -22.92 9.82
CA HIS A 303 17.20 -24.08 9.20
C HIS A 303 18.32 -23.67 8.24
N LEU A 304 18.75 -22.41 8.34
CA LEU A 304 19.89 -21.89 7.60
C LEU A 304 21.15 -21.93 8.46
N MET A 305 22.31 -21.97 7.78
CA MET A 305 23.60 -22.14 8.43
C MET A 305 24.47 -20.88 8.33
N GLY A 306 25.22 -20.62 9.42
CA GLY A 306 26.22 -19.56 9.49
C GLY A 306 25.66 -18.24 10.02
N ALA A 307 26.57 -17.34 10.41
CA ALA A 307 26.22 -16.05 11.01
C ALA A 307 25.63 -15.09 9.99
N PHE A 308 26.15 -15.14 8.75
CA PHE A 308 25.68 -14.26 7.70
C PHE A 308 24.20 -14.51 7.43
N ASN A 309 23.79 -15.78 7.46
CA ASN A 309 22.39 -16.14 7.29
C ASN A 309 21.48 -15.81 8.47
N VAL A 310 22.04 -15.70 9.68
CA VAL A 310 21.30 -15.12 10.81
C VAL A 310 20.99 -13.65 10.46
N SER A 311 22.02 -12.93 10.01
CA SER A 311 21.88 -11.53 9.64
C SER A 311 20.83 -11.34 8.55
N ASN A 312 20.91 -12.16 7.49
CA ASN A 312 19.97 -12.09 6.37
C ASN A 312 18.54 -12.36 6.84
N LEU A 313 18.38 -13.38 7.70
N LEU A 313 18.38 -13.38 7.70
CA LEU A 313 17.08 -13.71 8.25
CA LEU A 313 17.07 -13.72 8.26
C LEU A 313 16.50 -12.56 9.08
C LEU A 313 16.50 -12.57 9.09
N LEU A 314 17.35 -11.96 9.93
CA LEU A 314 16.96 -10.83 10.76
C LEU A 314 16.55 -9.63 9.95
N LEU A 315 17.26 -9.38 8.84
CA LEU A 315 16.90 -8.30 7.94
C LEU A 315 15.52 -8.52 7.33
N ALA A 316 15.24 -9.76 6.90
CA ALA A 316 13.95 -10.11 6.31
C ALA A 316 12.84 -9.93 7.36
N LEU A 317 13.09 -10.42 8.58
CA LEU A 317 12.15 -10.29 9.70
C LEU A 317 11.81 -8.81 10.01
N ALA A 318 12.86 -7.99 10.19
CA ALA A 318 12.70 -6.54 10.43
C ALA A 318 11.91 -5.84 9.32
N THR A 319 12.22 -6.18 8.07
CA THR A 319 11.51 -5.67 6.91
C THR A 319 10.00 -5.96 6.97
N LEU A 320 9.66 -7.23 7.20
CA LEU A 320 8.26 -7.66 7.22
C LEU A 320 7.52 -7.08 8.43
N LEU A 321 8.21 -6.96 9.58
CA LEU A 321 7.65 -6.27 10.73
C LEU A 321 7.34 -4.80 10.42
N ALA A 322 8.31 -4.11 9.80
CA ALA A 322 8.15 -2.70 9.38
C ALA A 322 6.97 -2.49 8.42
N LEU A 323 6.75 -3.46 7.54
CA LEU A 323 5.64 -3.47 6.61
C LEU A 323 4.30 -3.87 7.23
N GLY A 324 4.32 -4.30 8.49
CA GLY A 324 3.11 -4.52 9.28
C GLY A 324 2.62 -5.95 9.33
N TYR A 325 3.48 -6.92 8.97
CA TYR A 325 3.14 -8.31 9.13
C TYR A 325 3.27 -8.64 10.60
N PRO A 326 2.27 -9.30 11.24
CA PRO A 326 2.28 -9.47 12.69
C PRO A 326 3.40 -10.40 13.17
N LEU A 327 4.08 -10.00 14.25
CA LEU A 327 5.19 -10.78 14.79
C LEU A 327 4.82 -12.26 15.04
N ALA A 328 3.67 -12.49 15.67
CA ALA A 328 3.27 -13.85 16.02
C ALA A 328 3.17 -14.74 14.78
N ASP A 329 2.69 -14.17 13.68
CA ASP A 329 2.53 -14.91 12.43
C ASP A 329 3.84 -15.17 11.74
N LEU A 330 4.76 -14.20 11.79
CA LEU A 330 6.12 -14.39 11.33
C LEU A 330 6.82 -15.51 12.09
N LEU A 331 6.73 -15.47 13.42
CA LEU A 331 7.29 -16.53 14.29
C LEU A 331 6.73 -17.92 13.98
N LYS A 332 5.41 -17.99 13.75
CA LYS A 332 4.73 -19.25 13.44
C LYS A 332 5.21 -19.91 12.14
N THR A 333 5.73 -19.09 11.21
CA THR A 333 6.15 -19.55 9.88
C THR A 333 7.64 -19.66 9.65
N ALA A 334 8.45 -19.17 10.61
CA ALA A 334 9.90 -19.04 10.42
C ALA A 334 10.59 -20.39 10.15
N ALA A 335 10.10 -21.45 10.81
CA ALA A 335 10.67 -22.80 10.70
C ALA A 335 10.50 -23.39 9.31
N ARG A 336 9.58 -22.83 8.51
CA ARG A 336 9.35 -23.28 7.15
C ARG A 336 10.23 -22.60 6.12
N LEU A 337 10.99 -21.58 6.54
CA LEU A 337 11.94 -20.90 5.66
C LEU A 337 13.06 -21.89 5.30
N GLN A 338 13.39 -21.94 4.01
CA GLN A 338 14.37 -22.89 3.52
C GLN A 338 15.57 -22.17 2.90
N PRO A 339 16.74 -22.81 2.88
CA PRO A 339 17.90 -22.27 2.19
C PRO A 339 17.68 -22.21 0.69
N VAL A 340 18.43 -21.32 0.01
CA VAL A 340 18.50 -21.36 -1.42
C VAL A 340 19.21 -22.67 -1.76
N CYS A 341 18.66 -23.41 -2.72
CA CYS A 341 19.18 -24.71 -3.11
C CYS A 341 20.69 -24.63 -3.31
N GLY A 342 21.42 -25.53 -2.65
CA GLY A 342 22.87 -25.60 -2.77
C GLY A 342 23.66 -24.42 -2.22
N ARG A 343 23.02 -23.61 -1.36
CA ARG A 343 23.68 -22.53 -0.63
C ARG A 343 23.62 -22.84 0.87
N MET A 344 24.77 -23.24 1.42
CA MET A 344 24.88 -23.73 2.79
C MET A 344 23.67 -24.57 3.15
N GLU A 345 23.35 -25.52 2.26
CA GLU A 345 22.15 -26.32 2.41
C GLU A 345 22.46 -27.53 3.28
N VAL A 346 21.79 -27.61 4.44
CA VAL A 346 22.09 -28.63 5.44
C VAL A 346 21.29 -29.90 5.19
N PHE A 347 21.94 -31.04 5.43
CA PHE A 347 21.32 -32.35 5.32
C PHE A 347 21.67 -33.05 6.61
N THR A 348 20.64 -33.53 7.30
CA THR A 348 20.81 -34.22 8.56
C THR A 348 19.96 -35.47 8.55
N ALA A 349 20.41 -36.45 9.31
CA ALA A 349 19.66 -37.65 9.55
C ALA A 349 19.97 -38.01 11.00
N PRO A 350 18.97 -38.54 11.74
CA PRO A 350 19.20 -39.04 13.10
C PRO A 350 20.51 -39.83 13.19
N GLY A 351 21.39 -39.41 14.11
CA GLY A 351 22.63 -40.11 14.42
C GLY A 351 23.68 -40.19 13.32
N LYS A 352 23.69 -39.21 12.41
CA LYS A 352 24.67 -39.13 11.30
C LYS A 352 25.41 -37.79 11.36
N PRO A 353 26.60 -37.65 10.73
CA PRO A 353 27.24 -36.34 10.62
C PRO A 353 26.32 -35.36 9.90
N THR A 354 26.40 -34.09 10.26
CA THR A 354 25.75 -33.03 9.50
C THR A 354 26.51 -32.83 8.20
N VAL A 355 25.78 -32.75 7.09
CA VAL A 355 26.41 -32.50 5.79
C VAL A 355 25.81 -31.22 5.22
N VAL A 356 26.69 -30.35 4.72
CA VAL A 356 26.30 -29.06 4.11
C VAL A 356 26.79 -29.08 2.67
N VAL A 357 25.88 -28.83 1.72
CA VAL A 357 26.22 -28.71 0.32
C VAL A 357 26.22 -27.21 0.01
N ASP A 358 27.36 -26.72 -0.51
CA ASP A 358 27.49 -25.31 -0.85
C ASP A 358 28.19 -25.18 -2.18
N TYR A 359 27.83 -24.14 -2.93
CA TYR A 359 28.39 -23.96 -4.26
C TYR A 359 29.77 -23.32 -4.28
N ALA A 360 30.27 -22.91 -3.11
CA ALA A 360 31.60 -22.28 -2.97
C ALA A 360 32.62 -22.88 -3.92
N HIS A 361 33.14 -22.05 -4.84
CA HIS A 361 34.14 -22.52 -5.81
C HIS A 361 35.29 -21.54 -6.05
N THR A 362 35.52 -20.64 -5.09
CA THR A 362 36.62 -19.69 -5.08
C THR A 362 37.22 -19.70 -3.68
N PRO A 363 38.49 -19.26 -3.50
CA PRO A 363 39.09 -19.23 -2.17
C PRO A 363 38.26 -18.48 -1.14
N ASP A 364 37.78 -17.29 -1.50
CA ASP A 364 36.98 -16.45 -0.60
C ASP A 364 35.68 -17.13 -0.17
N ALA A 365 34.96 -17.71 -1.13
CA ALA A 365 33.68 -18.36 -0.87
C ALA A 365 33.86 -19.66 -0.04
N LEU A 366 34.95 -20.40 -0.30
CA LEU A 366 35.27 -21.60 0.46
C LEU A 366 35.59 -21.26 1.92
N GLU A 367 36.41 -20.22 2.11
CA GLU A 367 36.76 -19.74 3.43
C GLU A 367 35.51 -19.40 4.22
N LYS A 368 34.64 -18.60 3.61
CA LYS A 368 33.35 -18.21 4.21
C LYS A 368 32.45 -19.43 4.56
N ALA A 369 32.33 -20.37 3.62
CA ALA A 369 31.51 -21.56 3.83
C ALA A 369 32.03 -22.42 4.98
N LEU A 370 33.36 -22.59 5.05
CA LEU A 370 34.01 -23.32 6.15
C LEU A 370 33.86 -22.60 7.50
N GLN A 371 34.08 -21.29 7.54
CA GLN A 371 33.87 -20.50 8.76
C GLN A 371 32.42 -20.61 9.26
N ALA A 372 31.47 -20.58 8.33
CA ALA A 372 30.04 -20.74 8.62
C ALA A 372 29.75 -22.12 9.18
N ALA A 373 30.28 -23.15 8.49
CA ALA A 373 30.10 -24.55 8.91
C ALA A 373 30.70 -24.80 10.28
N ARG A 374 31.88 -24.21 10.54
CA ARG A 374 32.60 -24.41 11.80
C ARG A 374 31.71 -24.08 13.03
N LEU A 375 30.88 -23.04 12.91
CA LEU A 375 30.01 -22.58 14.01
C LEU A 375 29.03 -23.67 14.48
N HIS A 376 28.62 -24.52 13.54
CA HIS A 376 27.65 -25.57 13.79
C HIS A 376 28.30 -26.93 14.14
N CYS A 377 29.63 -26.95 14.25
CA CYS A 377 30.42 -28.17 14.28
C CYS A 377 31.06 -28.37 15.65
N ALA A 378 30.57 -29.36 16.40
CA ALA A 378 31.11 -29.71 17.71
C ALA A 378 32.34 -30.61 17.59
N GLY A 379 32.38 -31.42 16.52
CA GLY A 379 33.45 -32.35 16.26
C GLY A 379 34.47 -31.79 15.29
N LYS A 380 34.79 -32.59 14.27
CA LYS A 380 35.73 -32.23 13.22
C LYS A 380 34.97 -31.73 12.00
N LEU A 381 35.55 -30.75 11.32
CA LEU A 381 35.02 -30.19 10.09
C LEU A 381 35.79 -30.78 8.89
N TRP A 382 35.06 -31.50 8.03
CA TRP A 382 35.57 -32.08 6.79
C TRP A 382 35.20 -31.18 5.64
N CYS A 383 36.10 -31.06 4.66
CA CYS A 383 35.84 -30.30 3.43
C CYS A 383 36.14 -31.18 2.22
N VAL A 384 35.11 -31.51 1.44
CA VAL A 384 35.24 -32.28 0.22
C VAL A 384 35.10 -31.30 -0.92
N PHE A 385 36.11 -31.22 -1.79
CA PHE A 385 36.15 -30.24 -2.85
C PHE A 385 37.16 -30.60 -3.91
N GLY A 386 37.02 -29.95 -5.07
CA GLY A 386 37.92 -30.08 -6.19
C GLY A 386 37.86 -28.76 -6.95
N CYS A 387 38.51 -28.71 -8.11
CA CYS A 387 38.55 -27.52 -8.97
C CYS A 387 38.32 -27.92 -10.39
N GLY A 388 37.60 -27.05 -11.13
CA GLY A 388 37.24 -27.30 -12.51
C GLY A 388 38.46 -27.37 -13.40
N GLY A 389 38.45 -28.34 -14.33
CA GLY A 389 39.49 -28.51 -15.30
C GLY A 389 39.29 -27.58 -16.49
N ASP A 390 40.37 -27.38 -17.26
CA ASP A 390 40.40 -26.51 -18.44
C ASP A 390 39.96 -25.05 -18.18
N ARG A 391 40.10 -24.62 -16.93
CA ARG A 391 39.79 -23.25 -16.50
C ARG A 391 41.05 -22.68 -15.88
N ASP A 392 41.00 -21.40 -15.48
CA ASP A 392 42.13 -20.73 -14.87
C ASP A 392 42.58 -21.57 -13.68
N LYS A 393 43.90 -21.83 -13.62
CA LYS A 393 44.48 -22.74 -12.65
C LYS A 393 44.86 -22.08 -11.32
N GLY A 394 44.85 -20.74 -11.29
CA GLY A 394 45.44 -19.95 -10.22
C GLY A 394 44.83 -20.18 -8.86
N LYS A 395 43.52 -20.39 -8.83
CA LYS A 395 42.79 -20.58 -7.58
C LYS A 395 43.08 -21.91 -6.87
N ARG A 396 43.62 -22.89 -7.61
CA ARG A 396 43.80 -24.25 -7.10
C ARG A 396 44.61 -24.31 -5.83
N PRO A 397 45.88 -23.82 -5.79
CA PRO A 397 46.67 -23.87 -4.58
C PRO A 397 46.06 -23.02 -3.44
N LEU A 398 45.34 -21.95 -3.80
CA LEU A 398 44.72 -21.07 -2.82
C LEU A 398 43.57 -21.80 -2.10
N MET A 399 42.74 -22.50 -2.88
CA MET A 399 41.67 -23.33 -2.30
C MET A 399 42.21 -24.46 -1.44
N GLY A 400 43.36 -25.04 -1.85
CA GLY A 400 44.05 -26.03 -1.05
C GLY A 400 44.46 -25.47 0.31
N ALA A 401 45.03 -24.27 0.30
CA ALA A 401 45.52 -23.63 1.53
C ALA A 401 44.34 -23.35 2.47
N ILE A 402 43.24 -22.85 1.89
CA ILE A 402 42.01 -22.53 2.63
C ILE A 402 41.41 -23.78 3.28
N ALA A 403 41.25 -24.86 2.51
CA ALA A 403 40.76 -26.12 3.05
C ALA A 403 41.62 -26.65 4.19
N GLU A 404 42.94 -26.55 4.03
CA GLU A 404 43.88 -26.98 5.04
C GLU A 404 43.77 -26.14 6.32
N GLU A 405 43.67 -24.81 6.16
CA GLU A 405 43.60 -23.90 7.31
C GLU A 405 42.28 -24.01 8.08
N PHE A 406 41.17 -23.92 7.35
CA PHE A 406 39.84 -23.76 7.95
C PHE A 406 39.00 -25.04 8.13
N ALA A 407 39.47 -26.16 7.58
CA ALA A 407 38.89 -27.48 7.88
C ALA A 407 39.89 -28.30 8.70
N ASP A 408 39.39 -29.35 9.37
CA ASP A 408 40.23 -30.31 10.07
C ASP A 408 40.66 -31.45 9.15
N VAL A 409 39.77 -31.84 8.24
CA VAL A 409 40.09 -32.84 7.22
C VAL A 409 39.74 -32.32 5.84
N ALA A 410 40.75 -32.24 4.97
CA ALA A 410 40.56 -31.87 3.56
C ALA A 410 40.49 -33.14 2.75
N VAL A 411 39.38 -33.34 2.04
CA VAL A 411 39.24 -34.45 1.10
C VAL A 411 39.21 -33.87 -0.33
N VAL A 412 40.33 -34.03 -1.04
CA VAL A 412 40.50 -33.45 -2.37
C VAL A 412 40.05 -34.45 -3.42
N THR A 413 39.12 -34.03 -4.26
CA THR A 413 38.51 -34.89 -5.25
C THR A 413 38.33 -34.11 -6.55
N ASP A 414 37.55 -34.67 -7.47
CA ASP A 414 37.27 -34.07 -8.78
C ASP A 414 36.04 -33.19 -8.74
N ASP A 415 36.02 -32.19 -9.63
CA ASP A 415 34.90 -31.27 -9.84
C ASP A 415 34.95 -30.74 -11.27
N ASN A 416 34.11 -31.29 -12.15
CA ASN A 416 34.13 -31.00 -13.59
C ASN A 416 35.56 -30.95 -14.12
N PRO A 417 36.30 -32.07 -14.15
CA PRO A 417 37.67 -32.08 -14.69
C PRO A 417 37.74 -31.78 -16.20
N ARG A 418 36.60 -31.86 -16.90
CA ARG A 418 36.53 -31.66 -18.35
C ARG A 418 37.58 -32.54 -19.03
N THR A 419 38.43 -31.99 -19.91
CA THR A 419 39.43 -32.77 -20.64
C THR A 419 40.81 -32.82 -19.98
N GLU A 420 40.97 -32.07 -18.87
CA GLU A 420 42.24 -32.04 -18.14
C GLU A 420 42.43 -33.29 -17.28
N GLU A 421 43.68 -33.73 -17.15
CA GLU A 421 44.00 -34.91 -16.39
C GLU A 421 43.57 -34.68 -14.94
N PRO A 422 42.60 -35.44 -14.40
CA PRO A 422 42.05 -35.14 -13.08
C PRO A 422 43.10 -35.06 -11.98
N ARG A 423 44.05 -36.00 -11.96
CA ARG A 423 45.12 -35.98 -10.96
C ARG A 423 45.99 -34.72 -11.00
N ALA A 424 46.19 -34.16 -12.20
CA ALA A 424 46.95 -32.91 -12.37
C ALA A 424 46.31 -31.75 -11.63
N ILE A 425 44.98 -31.70 -11.68
CA ILE A 425 44.22 -30.67 -10.99
C ILE A 425 44.41 -30.83 -9.47
N ILE A 426 44.24 -32.06 -8.98
CA ILE A 426 44.43 -32.36 -7.58
C ILE A 426 45.84 -32.01 -7.10
N ASN A 427 46.84 -32.30 -7.94
CA ASN A 427 48.25 -31.95 -7.63
C ASN A 427 48.43 -30.41 -7.42
N ASP A 428 47.82 -29.60 -8.29
CA ASP A 428 47.85 -28.13 -8.20
C ASP A 428 47.25 -27.62 -6.90
N ILE A 429 46.20 -28.32 -6.42
CA ILE A 429 45.53 -28.03 -5.17
C ILE A 429 46.45 -28.32 -4.00
N LEU A 430 46.98 -29.54 -3.95
CA LEU A 430 47.88 -30.00 -2.89
C LEU A 430 49.18 -29.16 -2.77
N ALA A 431 49.68 -28.69 -3.92
CA ALA A 431 50.84 -27.79 -4.01
C ALA A 431 50.68 -26.55 -3.11
N GLY A 432 49.43 -26.13 -2.90
CA GLY A 432 49.13 -24.98 -2.07
C GLY A 432 49.11 -25.21 -0.57
N MET A 433 49.22 -26.48 -0.15
CA MET A 433 49.16 -26.86 1.25
C MET A 433 50.54 -26.93 1.90
N LEU A 434 50.59 -26.61 3.20
CA LEU A 434 51.79 -26.74 4.02
C LEU A 434 52.11 -28.22 4.26
N ASP A 435 51.06 -29.04 4.41
CA ASP A 435 51.20 -30.45 4.70
C ASP A 435 50.22 -31.25 3.85
N ALA A 436 50.53 -31.35 2.55
CA ALA A 436 49.72 -32.07 1.57
C ALA A 436 49.50 -33.52 1.96
N GLY A 437 50.49 -34.11 2.63
CA GLY A 437 50.41 -35.46 3.16
C GLY A 437 49.29 -35.71 4.13
N HIS A 438 48.80 -34.64 4.78
CA HIS A 438 47.70 -34.69 5.76
C HIS A 438 46.31 -34.70 5.07
N ALA A 439 46.25 -34.22 3.82
CA ALA A 439 45.02 -34.25 3.02
C ALA A 439 44.68 -35.65 2.55
N LYS A 440 43.39 -35.97 2.50
CA LYS A 440 42.91 -37.21 1.92
C LYS A 440 42.58 -36.90 0.48
N VAL A 441 43.07 -37.73 -0.44
CA VAL A 441 42.80 -37.58 -1.85
C VAL A 441 41.97 -38.78 -2.26
N MET A 442 40.84 -38.54 -2.91
CA MET A 442 40.06 -39.62 -3.50
C MET A 442 39.41 -39.15 -4.77
N GLU A 443 39.72 -39.84 -5.87
CA GLU A 443 39.14 -39.52 -7.15
C GLU A 443 37.97 -40.40 -7.41
N GLY A 444 37.02 -39.84 -8.16
CA GLY A 444 35.65 -40.24 -8.13
C GLY A 444 35.07 -39.34 -7.05
N ARG A 445 34.33 -38.32 -7.48
CA ARG A 445 33.73 -37.37 -6.56
C ARG A 445 32.74 -38.06 -5.64
N ALA A 446 31.86 -38.88 -6.22
CA ALA A 446 30.87 -39.62 -5.42
C ALA A 446 31.57 -40.46 -4.31
N GLU A 447 32.66 -41.11 -4.66
CA GLU A 447 33.43 -41.94 -3.71
C GLU A 447 34.04 -41.07 -2.58
N ALA A 448 34.55 -39.89 -2.94
CA ALA A 448 35.12 -38.93 -1.98
C ALA A 448 34.09 -38.41 -1.01
N VAL A 449 32.91 -38.07 -1.53
CA VAL A 449 31.81 -37.64 -0.69
C VAL A 449 31.46 -38.77 0.29
N THR A 450 31.33 -39.98 -0.25
CA THR A 450 31.01 -41.15 0.56
C THR A 450 32.07 -41.39 1.64
N CYS A 451 33.35 -41.29 1.26
CA CYS A 451 34.47 -41.37 2.20
C CYS A 451 34.26 -40.48 3.42
N ALA A 452 33.98 -39.19 3.18
CA ALA A 452 33.81 -38.22 4.25
C ALA A 452 32.58 -38.52 5.09
N VAL A 453 31.46 -38.78 4.43
CA VAL A 453 30.19 -38.95 5.08
C VAL A 453 30.19 -40.19 5.99
N MET A 454 30.75 -41.29 5.48
N MET A 454 30.75 -41.29 5.48
CA MET A 454 30.81 -42.57 6.18
CA MET A 454 30.79 -42.56 6.18
C MET A 454 31.86 -42.61 7.28
C MET A 454 31.86 -42.61 7.28
N GLN A 455 32.95 -41.86 7.12
CA GLN A 455 34.02 -41.82 8.12
C GLN A 455 33.77 -40.79 9.22
N ALA A 456 33.13 -39.68 8.87
CA ALA A 456 32.87 -38.61 9.84
C ALA A 456 32.02 -39.13 11.02
N LYS A 457 32.33 -38.65 12.23
CA LYS A 457 31.57 -38.97 13.43
C LYS A 457 30.26 -38.23 13.51
N GLU A 458 29.42 -38.61 14.48
CA GLU A 458 28.08 -38.08 14.64
C GLU A 458 28.04 -36.57 14.86
N ASN A 459 29.04 -36.04 15.56
CA ASN A 459 29.07 -34.62 15.86
C ASN A 459 30.01 -33.83 14.92
N ASP A 460 30.37 -34.45 13.79
CA ASP A 460 31.22 -33.81 12.79
C ASP A 460 30.29 -33.13 11.79
N VAL A 461 30.89 -32.25 10.98
CA VAL A 461 30.19 -31.59 9.88
C VAL A 461 31.07 -31.82 8.66
N VAL A 462 30.43 -32.23 7.56
CA VAL A 462 31.10 -32.38 6.27
C VAL A 462 30.56 -31.32 5.32
N LEU A 463 31.44 -30.42 4.84
CA LEU A 463 31.08 -29.44 3.82
C LEU A 463 31.45 -30.04 2.48
N VAL A 464 30.48 -30.13 1.57
CA VAL A 464 30.73 -30.59 0.21
C VAL A 464 30.56 -29.36 -0.67
N ALA A 465 31.69 -28.85 -1.16
CA ALA A 465 31.80 -27.55 -1.83
C ALA A 465 32.04 -27.67 -3.32
N GLY A 466 31.46 -26.73 -4.07
CA GLY A 466 31.86 -26.53 -5.46
C GLY A 466 30.74 -26.61 -6.48
N LYS A 467 29.66 -27.31 -6.14
CA LYS A 467 28.62 -27.58 -7.10
C LYS A 467 27.28 -27.00 -6.73
N GLY A 468 26.98 -26.99 -5.43
CA GLY A 468 25.72 -26.50 -4.91
C GLY A 468 24.54 -27.25 -5.52
N HIS A 469 23.74 -26.53 -6.32
CA HIS A 469 22.51 -27.04 -6.92
C HIS A 469 22.76 -27.89 -8.18
N GLU A 470 23.96 -27.77 -8.75
CA GLU A 470 24.27 -28.38 -10.03
C GLU A 470 24.15 -29.91 -9.98
N ASP A 471 23.62 -30.47 -11.08
CA ASP A 471 23.23 -31.86 -11.15
C ASP A 471 23.98 -32.60 -12.27
N TYR A 472 25.22 -32.16 -12.53
CA TYR A 472 26.10 -32.76 -13.51
C TYR A 472 27.56 -32.68 -13.08
N GLN A 473 28.35 -33.64 -13.59
CA GLN A 473 29.80 -33.68 -13.47
C GLN A 473 30.33 -33.80 -14.91
N ILE A 474 31.10 -32.80 -15.34
CA ILE A 474 31.63 -32.77 -16.69
C ILE A 474 32.96 -33.53 -16.73
N VAL A 475 32.92 -34.74 -17.31
CA VAL A 475 34.06 -35.64 -17.43
C VAL A 475 34.35 -35.89 -18.92
N GLY A 476 35.43 -35.28 -19.42
CA GLY A 476 35.71 -35.22 -20.85
C GLY A 476 34.94 -34.06 -21.45
N ASN A 477 34.00 -34.39 -22.33
CA ASN A 477 33.04 -33.44 -22.89
C ASN A 477 31.59 -33.88 -22.62
N GLN A 478 31.43 -34.80 -21.67
CA GLN A 478 30.14 -35.37 -21.29
C GLN A 478 29.64 -34.78 -19.99
N ARG A 479 28.34 -34.44 -19.95
CA ARG A 479 27.64 -34.10 -18.73
C ARG A 479 27.01 -35.37 -18.17
N LEU A 480 27.75 -36.03 -17.26
CA LEU A 480 27.24 -37.17 -16.53
C LEU A 480 26.27 -36.65 -15.48
N ASP A 481 25.15 -37.38 -15.29
CA ASP A 481 24.20 -37.05 -14.25
C ASP A 481 24.83 -37.38 -12.91
N TYR A 482 25.03 -36.33 -12.11
CA TYR A 482 25.61 -36.42 -10.78
C TYR A 482 25.19 -35.20 -9.98
N SER A 483 24.72 -35.44 -8.76
CA SER A 483 24.35 -34.40 -7.84
C SER A 483 25.01 -34.70 -6.49
N ASP A 484 25.70 -33.70 -5.92
CA ASP A 484 26.16 -33.76 -4.55
C ASP A 484 24.97 -33.93 -3.61
N ARG A 485 23.89 -33.22 -3.89
CA ARG A 485 22.69 -33.24 -3.04
C ARG A 485 22.07 -34.63 -2.97
N VAL A 486 21.94 -35.28 -4.13
CA VAL A 486 21.38 -36.60 -4.25
C VAL A 486 22.29 -37.62 -3.57
N THR A 487 23.60 -37.51 -3.84
CA THR A 487 24.59 -38.43 -3.24
C THR A 487 24.53 -38.37 -1.71
N VAL A 488 24.50 -37.14 -1.17
CA VAL A 488 24.49 -36.92 0.27
C VAL A 488 23.18 -37.43 0.88
N ALA A 489 22.05 -37.09 0.24
CA ALA A 489 20.71 -37.51 0.69
C ALA A 489 20.61 -39.03 0.80
N ARG A 490 21.05 -39.72 -0.25
CA ARG A 490 21.03 -41.18 -0.30
C ARG A 490 21.92 -41.80 0.77
N LEU A 491 23.11 -41.24 0.99
CA LEU A 491 23.99 -41.71 2.06
C LEU A 491 23.38 -41.57 3.45
N LEU A 492 22.68 -40.45 3.69
CA LEU A 492 22.04 -40.19 4.97
C LEU A 492 20.67 -40.86 5.14
N GLY A 493 20.15 -41.47 4.06
CA GLY A 493 18.84 -42.10 4.07
C GLY A 493 17.71 -41.10 4.14
N VAL A 494 17.94 -39.92 3.56
CA VAL A 494 16.92 -38.87 3.46
C VAL A 494 16.62 -38.61 1.99
N ILE A 495 15.73 -37.64 1.72
CA ILE A 495 15.34 -37.25 0.37
C ILE A 495 15.85 -35.84 0.13
N ALA A 496 16.59 -35.66 -0.97
CA ALA A 496 17.14 -34.37 -1.36
C ALA A 496 15.98 -33.43 -1.68
N ARG B 5 -10.67 -19.29 10.52
CA ARG B 5 -10.80 -18.49 11.78
C ARG B 5 -10.73 -19.42 13.01
N ASN B 6 -9.65 -19.27 13.78
CA ASN B 6 -9.40 -20.04 14.98
C ASN B 6 -9.05 -19.12 16.15
N LEU B 7 -9.60 -19.44 17.33
CA LEU B 7 -9.41 -18.67 18.55
C LEU B 7 -7.95 -18.49 18.88
N ARG B 8 -7.18 -19.58 18.72
CA ARG B 8 -5.76 -19.60 19.05
C ARG B 8 -5.00 -18.60 18.17
N ASP B 9 -5.22 -18.68 16.86
CA ASP B 9 -4.60 -17.76 15.89
C ASP B 9 -5.07 -16.33 16.07
N LEU B 10 -6.39 -16.16 16.26
CA LEU B 10 -6.99 -14.85 16.57
C LEU B 10 -6.24 -14.14 17.69
N LEU B 11 -6.01 -14.87 18.80
CA LEU B 11 -5.45 -14.29 20.01
C LEU B 11 -3.92 -14.30 20.10
N ALA B 12 -3.26 -14.95 19.14
CA ALA B 12 -1.81 -15.18 19.16
C ALA B 12 -0.97 -13.94 19.48
N PRO B 13 -1.26 -12.74 18.91
CA PRO B 13 -0.47 -11.55 19.25
C PRO B 13 -0.50 -11.13 20.72
N TRP B 14 -1.58 -11.49 21.44
CA TRP B 14 -1.84 -11.02 22.81
C TRP B 14 -1.94 -12.11 23.90
N VAL B 15 -2.42 -13.29 23.52
CA VAL B 15 -2.66 -14.39 24.46
C VAL B 15 -2.10 -15.69 23.88
N PRO B 16 -0.82 -16.03 24.17
CA PRO B 16 -0.17 -17.18 23.53
C PRO B 16 -0.74 -18.53 23.97
N ASP B 17 -1.36 -18.52 25.15
CA ASP B 17 -1.87 -19.72 25.80
C ASP B 17 -3.17 -20.25 25.18
N ALA B 18 -3.86 -19.40 24.42
CA ALA B 18 -5.27 -19.60 24.06
C ALA B 18 -5.55 -20.94 23.38
N PRO B 19 -6.66 -21.63 23.73
CA PRO B 19 -6.98 -22.92 23.12
C PRO B 19 -7.40 -22.83 21.65
N SER B 20 -7.18 -23.91 20.91
CA SER B 20 -7.56 -24.01 19.50
C SER B 20 -9.05 -24.34 19.38
N ARG B 21 -9.79 -23.48 18.68
CA ARG B 21 -11.22 -23.67 18.42
C ARG B 21 -11.58 -22.93 17.15
N ALA B 22 -12.26 -23.63 16.22
CA ALA B 22 -12.76 -23.00 15.00
C ALA B 22 -13.88 -22.04 15.37
N LEU B 23 -13.94 -20.91 14.67
CA LEU B 23 -14.89 -19.84 14.95
C LEU B 23 -15.67 -19.50 13.70
N ARG B 24 -16.96 -19.23 13.87
CA ARG B 24 -17.86 -18.93 12.77
C ARG B 24 -17.87 -17.40 12.55
N GLU B 25 -18.77 -16.69 13.23
CA GLU B 25 -18.81 -15.22 13.18
C GLU B 25 -18.51 -14.64 14.55
N MET B 26 -18.24 -13.34 14.58
CA MET B 26 -17.93 -12.59 15.78
C MET B 26 -19.09 -11.64 16.02
N THR B 27 -19.63 -11.64 17.25
CA THR B 27 -20.78 -10.81 17.60
C THR B 27 -20.73 -10.31 19.06
N LEU B 28 -21.23 -9.09 19.26
CA LEU B 28 -21.43 -8.48 20.57
C LEU B 28 -22.82 -8.76 21.16
N ASP B 29 -23.71 -9.33 20.34
CA ASP B 29 -25.11 -9.52 20.69
C ASP B 29 -25.43 -11.01 20.94
N SER B 30 -25.62 -11.35 22.22
CA SER B 30 -25.92 -12.72 22.64
C SER B 30 -27.19 -13.27 22.01
N ARG B 31 -28.10 -12.38 21.61
CA ARG B 31 -29.37 -12.76 20.99
C ARG B 31 -29.14 -13.53 19.68
N VAL B 32 -28.26 -13.00 18.83
CA VAL B 32 -28.00 -13.59 17.51
C VAL B 32 -26.84 -14.61 17.52
N ALA B 33 -26.14 -14.72 18.65
CA ALA B 33 -25.01 -15.62 18.82
C ALA B 33 -25.43 -17.08 18.63
N ALA B 34 -24.96 -17.69 17.53
CA ALA B 34 -25.31 -19.06 17.13
C ALA B 34 -24.15 -20.04 17.35
N ALA B 35 -24.37 -21.32 17.02
CA ALA B 35 -23.37 -22.37 17.14
C ALA B 35 -22.09 -21.98 16.41
N GLY B 36 -20.94 -22.20 17.08
CA GLY B 36 -19.63 -21.92 16.53
C GLY B 36 -19.17 -20.46 16.58
N ASP B 37 -20.07 -19.54 16.99
CA ASP B 37 -19.73 -18.12 17.06
C ASP B 37 -18.74 -17.76 18.15
N LEU B 38 -18.09 -16.62 17.96
CA LEU B 38 -17.32 -15.96 19.00
C LEU B 38 -18.19 -14.82 19.55
N PHE B 39 -18.61 -14.95 20.81
CA PHE B 39 -19.36 -13.92 21.50
C PHE B 39 -18.38 -13.04 22.26
N VAL B 40 -18.52 -11.73 22.13
CA VAL B 40 -17.66 -10.78 22.81
C VAL B 40 -18.50 -10.03 23.81
N ALA B 41 -18.16 -10.18 25.10
CA ALA B 41 -18.90 -9.58 26.20
C ALA B 41 -18.17 -8.33 26.69
N VAL B 42 -18.72 -7.16 26.34
CA VAL B 42 -18.13 -5.86 26.65
C VAL B 42 -18.97 -5.07 27.67
N VAL B 43 -18.32 -4.18 28.41
CA VAL B 43 -18.96 -3.29 29.38
C VAL B 43 -18.95 -1.88 28.81
N GLY B 44 -20.12 -1.23 28.81
CA GLY B 44 -20.26 0.09 28.22
C GLY B 44 -21.52 0.84 28.63
N ALA B 47 -24.72 -1.20 30.24
CA ALA B 47 -24.90 -2.64 30.04
C ALA B 47 -23.59 -3.42 30.23
N ASP B 48 -23.70 -4.61 30.81
CA ASP B 48 -22.59 -5.54 30.97
C ASP B 48 -22.89 -6.81 30.20
N GLY B 49 -22.24 -6.96 29.03
CA GLY B 49 -22.36 -8.14 28.19
C GLY B 49 -22.04 -9.47 28.87
N ARG B 50 -21.24 -9.42 29.95
CA ARG B 50 -20.84 -10.62 30.69
C ARG B 50 -22.04 -11.31 31.35
N ARG B 51 -23.10 -10.53 31.62
CA ARG B 51 -24.39 -11.05 32.08
C ARG B 51 -24.95 -12.08 31.12
N TYR B 52 -24.72 -11.88 29.82
CA TYR B 52 -25.28 -12.76 28.80
C TYR B 52 -24.39 -13.96 28.42
N ILE B 53 -23.34 -14.21 29.20
CA ILE B 53 -22.42 -15.32 28.94
C ILE B 53 -23.12 -16.67 29.03
N PRO B 54 -23.94 -16.94 30.09
CA PRO B 54 -24.71 -18.19 30.15
C PRO B 54 -25.62 -18.42 28.93
N GLN B 55 -26.38 -17.39 28.54
CA GLN B 55 -27.25 -17.43 27.37
C GLN B 55 -26.48 -17.81 26.10
N ALA B 56 -25.36 -17.10 25.87
CA ALA B 56 -24.47 -17.37 24.73
C ALA B 56 -23.97 -18.82 24.73
N ILE B 57 -23.54 -19.29 25.90
CA ILE B 57 -23.10 -20.67 26.10
C ILE B 57 -24.21 -21.69 25.79
N ALA B 58 -25.43 -21.38 26.22
CA ALA B 58 -26.61 -22.22 25.97
C ALA B 58 -26.93 -22.33 24.47
N GLN B 59 -26.64 -21.26 23.73
CA GLN B 59 -26.80 -21.24 22.27
C GLN B 59 -25.64 -21.91 21.51
N GLY B 60 -24.60 -22.34 22.23
CA GLY B 60 -23.51 -23.13 21.68
C GLY B 60 -22.41 -22.35 20.96
N VAL B 61 -22.13 -21.13 21.42
CA VAL B 61 -20.96 -20.38 20.95
C VAL B 61 -19.70 -21.22 21.18
N ALA B 62 -18.74 -21.11 20.25
CA ALA B 62 -17.47 -21.85 20.32
C ALA B 62 -16.51 -21.25 21.36
N ALA B 63 -16.60 -19.93 21.54
CA ALA B 63 -15.75 -19.22 22.48
C ALA B 63 -16.31 -17.85 22.87
N ILE B 64 -15.78 -17.32 23.96
CA ILE B 64 -16.17 -16.04 24.51
C ILE B 64 -14.91 -15.24 24.88
N ILE B 65 -14.90 -13.97 24.47
CA ILE B 65 -13.94 -12.99 24.93
C ILE B 65 -14.69 -11.95 25.76
N ALA B 66 -14.18 -11.67 26.96
CA ALA B 66 -14.87 -10.87 27.97
C ALA B 66 -14.00 -9.78 28.59
N GLU B 67 -14.63 -8.66 28.96
CA GLU B 67 -13.98 -7.60 29.71
C GLU B 67 -13.48 -8.19 31.04
N ALA B 68 -12.19 -7.96 31.35
CA ALA B 68 -11.56 -8.51 32.53
C ALA B 68 -11.84 -7.71 33.81
N LYS B 69 -12.25 -6.44 33.64
CA LYS B 69 -12.39 -5.49 34.74
C LYS B 69 -13.25 -6.04 35.89
N ASP B 70 -12.62 -6.17 37.06
CA ASP B 70 -13.25 -6.62 38.33
C ASP B 70 -13.56 -8.12 38.41
N GLU B 71 -13.24 -8.87 37.35
CA GLU B 71 -13.55 -10.29 37.28
C GLU B 71 -12.33 -11.20 37.03
N ALA B 72 -11.33 -10.67 36.31
CA ALA B 72 -10.15 -11.45 35.94
C ALA B 72 -8.96 -10.57 35.60
N THR B 73 -7.82 -11.22 35.33
CA THR B 73 -6.62 -10.56 34.85
C THR B 73 -6.59 -10.63 33.31
N ASP B 74 -5.84 -9.71 32.71
CA ASP B 74 -5.67 -9.63 31.26
C ASP B 74 -5.06 -10.93 30.72
N GLY B 75 -5.71 -11.50 29.70
CA GLY B 75 -5.25 -12.75 29.11
C GLY B 75 -5.62 -13.99 29.89
N GLU B 76 -6.36 -13.85 31.00
CA GLU B 76 -6.76 -14.99 31.80
C GLU B 76 -7.75 -15.84 31.00
N ILE B 77 -7.44 -17.14 30.90
CA ILE B 77 -8.25 -18.12 30.19
C ILE B 77 -9.03 -18.96 31.20
N ARG B 78 -10.36 -18.94 31.08
CA ARG B 78 -11.24 -19.80 31.85
C ARG B 78 -12.09 -20.65 30.92
N GLU B 79 -12.81 -21.60 31.50
CA GLU B 79 -13.59 -22.59 30.77
C GLU B 79 -14.91 -22.78 31.51
N MET B 80 -16.03 -22.70 30.77
CA MET B 80 -17.38 -22.88 31.31
C MET B 80 -18.23 -23.70 30.35
N HIS B 81 -18.77 -24.83 30.84
CA HIS B 81 -19.54 -25.79 30.04
C HIS B 81 -18.73 -26.35 28.86
N GLY B 82 -17.39 -26.35 29.00
CA GLY B 82 -16.48 -26.76 27.95
C GLY B 82 -16.11 -25.67 26.95
N VAL B 83 -16.66 -24.46 27.15
CA VAL B 83 -16.46 -23.34 26.25
C VAL B 83 -15.42 -22.39 26.84
N PRO B 84 -14.32 -22.08 26.12
CA PRO B 84 -13.32 -21.16 26.65
C PRO B 84 -13.88 -19.75 26.76
N VAL B 85 -13.61 -19.10 27.92
CA VAL B 85 -13.92 -17.71 28.16
C VAL B 85 -12.59 -17.04 28.45
N ILE B 86 -12.18 -16.13 27.56
CA ILE B 86 -10.89 -15.46 27.66
C ILE B 86 -11.11 -13.98 27.98
N TYR B 87 -10.45 -13.51 29.04
CA TYR B 87 -10.62 -12.16 29.55
C TYR B 87 -9.51 -11.23 29.08
N LEU B 88 -9.91 -10.03 28.67
CA LEU B 88 -9.00 -8.98 28.23
C LEU B 88 -9.37 -7.67 28.90
N SER B 89 -8.36 -6.96 29.40
N SER B 89 -8.36 -6.96 29.40
CA SER B 89 -8.53 -5.62 29.96
C SER B 89 -8.65 -4.63 28.79
N GLN B 90 -9.37 -3.53 29.03
CA GLN B 90 -9.55 -2.47 28.04
C GLN B 90 -10.11 -3.03 26.73
N LEU B 91 -11.12 -3.92 26.85
CA LEU B 91 -11.69 -4.60 25.69
C LEU B 91 -12.29 -3.63 24.68
N ASN B 92 -12.97 -2.59 25.20
CA ASN B 92 -13.54 -1.53 24.36
C ASN B 92 -12.47 -0.84 23.48
N GLU B 93 -11.31 -0.55 24.07
CA GLU B 93 -10.20 0.07 23.35
C GLU B 93 -9.58 -0.86 22.30
N ARG B 94 -9.62 -2.16 22.55
CA ARG B 94 -8.93 -3.16 21.71
C ARG B 94 -9.83 -3.92 20.75
N LEU B 95 -11.14 -3.65 20.82
CA LEU B 95 -12.12 -4.40 20.04
C LEU B 95 -11.86 -4.26 18.54
N SER B 96 -11.53 -3.05 18.10
CA SER B 96 -11.21 -2.80 16.71
C SER B 96 -10.05 -3.69 16.24
N ALA B 97 -8.97 -3.76 17.02
CA ALA B 97 -7.82 -4.60 16.70
C ALA B 97 -8.23 -6.08 16.63
N LEU B 98 -9.07 -6.50 17.58
CA LEU B 98 -9.46 -7.90 17.71
C LEU B 98 -10.29 -8.29 16.47
N ALA B 99 -11.27 -7.46 16.14
CA ALA B 99 -12.11 -7.66 14.98
C ALA B 99 -11.30 -7.55 13.67
N GLY B 100 -10.34 -6.64 13.62
CA GLY B 100 -9.46 -6.49 12.47
C GLY B 100 -8.79 -7.82 12.14
N ARG B 101 -8.20 -8.43 13.17
CA ARG B 101 -7.52 -9.71 13.01
C ARG B 101 -8.47 -10.82 12.62
N PHE B 102 -9.65 -10.87 13.26
CA PHE B 102 -10.71 -11.81 12.96
C PHE B 102 -11.08 -11.77 11.47
N TYR B 103 -11.21 -10.56 10.92
CA TYR B 103 -11.68 -10.35 9.55
C TYR B 103 -10.55 -10.19 8.54
N HIS B 104 -9.36 -10.64 8.91
CA HIS B 104 -8.18 -10.64 8.05
C HIS B 104 -7.76 -9.24 7.58
N GLU B 105 -7.85 -8.26 8.50
CA GLU B 105 -7.25 -6.95 8.32
C GLU B 105 -7.69 -6.30 7.00
N PRO B 106 -9.00 -6.05 6.82
CA PRO B 106 -9.51 -5.49 5.56
C PRO B 106 -8.90 -4.13 5.17
N SER B 107 -8.53 -3.29 6.14
CA SER B 107 -7.96 -1.98 5.79
C SER B 107 -6.50 -2.07 5.34
N ASP B 108 -5.87 -3.23 5.56
CA ASP B 108 -4.56 -3.56 4.97
C ASP B 108 -4.67 -4.12 3.54
N ASN B 109 -5.91 -4.36 3.08
CA ASN B 109 -6.18 -4.98 1.79
C ASN B 109 -7.01 -4.11 0.81
N LEU B 110 -7.16 -2.83 1.17
CA LEU B 110 -7.69 -1.82 0.26
C LEU B 110 -7.13 -0.49 0.74
N ARG B 111 -7.28 0.55 -0.08
CA ARG B 111 -6.88 1.90 0.28
C ARG B 111 -8.06 2.57 0.97
N LEU B 112 -7.93 2.79 2.28
CA LEU B 112 -8.98 3.38 3.11
C LEU B 112 -8.66 4.84 3.42
N VAL B 113 -9.58 5.73 3.04
CA VAL B 113 -9.46 7.14 3.32
C VAL B 113 -10.59 7.52 4.26
N GLY B 114 -10.21 8.10 5.40
CA GLY B 114 -11.13 8.59 6.42
C GLY B 114 -11.33 10.08 6.29
N VAL B 115 -12.60 10.52 6.35
CA VAL B 115 -12.95 11.94 6.27
C VAL B 115 -13.72 12.33 7.53
N THR B 116 -13.21 13.34 8.24
N THR B 116 -13.23 13.36 8.23
CA THR B 116 -13.80 13.90 9.48
CA THR B 116 -13.92 13.91 9.38
C THR B 116 -14.05 15.41 9.36
C THR B 116 -14.30 15.36 9.14
N GLY B 117 -15.07 15.89 10.08
CA GLY B 117 -15.46 17.28 10.11
C GLY B 117 -16.95 17.40 10.24
N THR B 118 -17.44 18.63 10.39
CA THR B 118 -18.86 18.91 10.58
C THR B 118 -19.64 18.71 9.30
N ASN B 119 -19.17 19.36 8.23
CA ASN B 119 -19.81 19.38 6.93
C ASN B 119 -18.87 18.83 5.87
N GLY B 120 -19.44 18.44 4.74
CA GLY B 120 -18.65 18.03 3.58
C GLY B 120 -18.12 16.60 3.61
N LYS B 121 -18.41 15.85 4.69
CA LYS B 121 -17.97 14.48 4.81
C LYS B 121 -18.56 13.61 3.73
N THR B 122 -19.89 13.69 3.55
CA THR B 122 -20.56 12.87 2.56
C THR B 122 -20.09 13.19 1.15
N THR B 123 -20.04 14.48 0.82
CA THR B 123 -19.61 14.90 -0.50
C THR B 123 -18.15 14.54 -0.73
N THR B 124 -17.29 14.79 0.25
CA THR B 124 -15.86 14.49 0.07
C THR B 124 -15.59 13.00 -0.13
N THR B 125 -16.23 12.16 0.70
N THR B 125 -16.22 12.14 0.69
CA THR B 125 -16.15 10.70 0.55
CA THR B 125 -16.12 10.68 0.52
C THR B 125 -16.63 10.25 -0.82
C THR B 125 -16.63 10.24 -0.84
N GLN B 126 -17.77 10.80 -1.27
CA GLN B 126 -18.31 10.47 -2.57
C GLN B 126 -17.34 10.86 -3.68
N LEU B 127 -16.75 12.05 -3.59
CA LEU B 127 -15.81 12.50 -4.62
C LEU B 127 -14.56 11.60 -4.64
N LEU B 128 -14.04 11.27 -3.46
CA LEU B 128 -12.89 10.36 -3.33
C LEU B 128 -13.18 9.02 -4.00
N ALA B 129 -14.35 8.45 -3.70
CA ALA B 129 -14.74 7.17 -4.26
C ALA B 129 -14.91 7.25 -5.79
N GLN B 130 -15.64 8.27 -6.26
CA GLN B 130 -15.86 8.46 -7.69
C GLN B 130 -14.57 8.63 -8.45
N TRP B 131 -13.70 9.51 -7.94
CA TRP B 131 -12.49 9.90 -8.67
C TRP B 131 -11.50 8.74 -8.74
N SER B 132 -11.29 8.08 -7.60
CA SER B 132 -10.42 6.91 -7.54
C SER B 132 -10.93 5.82 -8.51
N GLN B 133 -12.26 5.68 -8.63
CA GLN B 133 -12.83 4.67 -9.52
C GLN B 133 -12.61 5.03 -10.98
N LEU B 134 -12.81 6.31 -11.32
CA LEU B 134 -12.47 6.85 -12.64
C LEU B 134 -11.03 6.56 -13.01
N LEU B 135 -10.15 6.44 -12.02
CA LEU B 135 -8.74 6.15 -12.25
C LEU B 135 -8.42 4.65 -12.20
N GLY B 136 -9.46 3.82 -12.08
CA GLY B 136 -9.34 2.38 -12.20
C GLY B 136 -9.49 1.55 -10.92
N GLU B 137 -9.74 2.19 -9.77
CA GLU B 137 -10.05 1.44 -8.54
C GLU B 137 -11.46 0.89 -8.63
N ILE B 138 -11.77 -0.12 -7.81
CA ILE B 138 -13.14 -0.49 -7.53
C ILE B 138 -13.47 0.11 -6.18
N SER B 139 -14.28 1.17 -6.19
CA SER B 139 -14.41 2.04 -5.04
C SER B 139 -15.70 1.80 -4.27
N ALA B 140 -15.66 2.14 -2.98
CA ALA B 140 -16.78 1.96 -2.08
C ALA B 140 -16.81 3.10 -1.09
N VAL B 141 -17.96 3.27 -0.44
CA VAL B 141 -18.16 4.29 0.55
C VAL B 141 -18.74 3.66 1.77
N MET B 142 -18.40 4.25 2.94
CA MET B 142 -19.03 3.90 4.20
C MET B 142 -19.34 5.22 4.87
N GLY B 143 -20.64 5.49 5.05
CA GLY B 143 -21.07 6.78 5.55
C GLY B 143 -22.56 6.87 5.79
N THR B 144 -23.05 8.11 5.87
CA THR B 144 -24.38 8.43 6.37
C THR B 144 -25.51 7.98 5.43
N VAL B 145 -25.25 8.08 4.11
CA VAL B 145 -26.16 7.54 3.09
C VAL B 145 -26.17 6.00 3.09
N GLY B 146 -25.13 5.39 3.70
CA GLY B 146 -25.02 3.94 3.85
C GLY B 146 -23.66 3.39 3.47
N ASN B 147 -23.61 2.08 3.16
CA ASN B 147 -22.39 1.37 2.82
C ASN B 147 -22.52 0.60 1.51
N GLY B 148 -21.43 0.58 0.73
CA GLY B 148 -21.36 -0.29 -0.43
C GLY B 148 -20.44 0.17 -1.54
N LEU B 149 -20.26 -0.69 -2.54
CA LEU B 149 -19.59 -0.33 -3.77
C LEU B 149 -20.36 0.84 -4.36
N LEU B 150 -19.63 1.73 -5.03
CA LEU B 150 -20.22 2.91 -5.63
C LEU B 150 -21.42 2.53 -6.51
N GLY B 151 -22.54 3.24 -6.33
CA GLY B 151 -23.79 2.97 -7.02
C GLY B 151 -24.65 1.85 -6.44
N LYS B 152 -24.14 1.20 -5.39
CA LYS B 152 -24.82 0.10 -4.72
C LYS B 152 -24.78 0.26 -3.20
N VAL B 153 -24.99 1.50 -2.74
CA VAL B 153 -24.89 1.84 -1.33
C VAL B 153 -26.17 1.41 -0.60
N ILE B 154 -26.01 0.50 0.37
CA ILE B 154 -27.09 -0.04 1.19
C ILE B 154 -27.26 0.86 2.42
N PRO B 155 -28.46 1.44 2.65
CA PRO B 155 -28.68 2.32 3.81
C PRO B 155 -28.35 1.71 5.18
N GLY B 161 -23.47 0.86 15.35
CA GLY B 161 -22.30 0.44 14.59
C GLY B 161 -21.04 0.36 15.44
N SER B 162 -20.74 -0.83 15.96
CA SER B 162 -19.58 -1.06 16.82
C SER B 162 -18.28 -1.20 16.03
N ALA B 163 -17.16 -1.30 16.74
CA ALA B 163 -15.86 -1.53 16.11
C ALA B 163 -15.85 -2.85 15.32
N VAL B 164 -16.66 -3.82 15.78
CA VAL B 164 -16.79 -5.09 15.10
C VAL B 164 -17.52 -4.92 13.76
N ASP B 165 -18.66 -4.21 13.79
CA ASP B 165 -19.45 -3.93 12.59
C ASP B 165 -18.63 -3.22 11.51
N VAL B 166 -17.80 -2.27 11.92
CA VAL B 166 -16.96 -1.50 10.99
C VAL B 166 -16.02 -2.44 10.25
N GLN B 167 -15.32 -3.28 11.02
CA GLN B 167 -14.37 -4.23 10.42
C GLN B 167 -15.08 -5.26 9.53
N HIS B 168 -16.22 -5.77 10.00
CA HIS B 168 -17.06 -6.71 9.27
C HIS B 168 -17.49 -6.13 7.91
N GLU B 169 -17.98 -4.89 7.94
CA GLU B 169 -18.46 -4.20 6.74
C GLU B 169 -17.31 -3.98 5.76
N LEU B 170 -16.15 -3.56 6.29
CA LEU B 170 -14.98 -3.31 5.45
C LEU B 170 -14.55 -4.61 4.77
N ALA B 171 -14.61 -5.73 5.52
CA ALA B 171 -14.27 -7.05 5.00
C ALA B 171 -15.25 -7.48 3.92
N GLY B 172 -16.55 -7.19 4.13
CA GLY B 172 -17.57 -7.43 3.11
C GLY B 172 -17.26 -6.70 1.81
N LEU B 173 -16.82 -5.44 1.92
CA LEU B 173 -16.43 -4.67 0.76
C LEU B 173 -15.18 -5.28 0.09
N VAL B 174 -14.19 -5.71 0.90
CA VAL B 174 -13.01 -6.38 0.35
C VAL B 174 -13.46 -7.62 -0.43
N ASP B 175 -14.38 -8.40 0.16
CA ASP B 175 -14.91 -9.61 -0.46
C ASP B 175 -15.63 -9.38 -1.77
N GLN B 176 -16.26 -8.20 -1.92
CA GLN B 176 -16.92 -7.80 -3.15
C GLN B 176 -15.97 -7.22 -4.21
N GLY B 177 -14.68 -7.12 -3.89
CA GLY B 177 -13.65 -6.66 -4.81
C GLY B 177 -13.20 -5.20 -4.70
N ALA B 178 -13.73 -4.48 -3.71
CA ALA B 178 -13.34 -3.09 -3.45
C ALA B 178 -11.84 -2.97 -3.20
N THR B 179 -11.19 -2.06 -3.94
CA THR B 179 -9.78 -1.72 -3.76
C THR B 179 -9.58 -0.34 -3.08
N PHE B 180 -10.68 0.40 -2.91
CA PHE B 180 -10.63 1.73 -2.33
C PHE B 180 -11.92 1.93 -1.57
N CYS B 181 -11.82 2.47 -0.36
CA CYS B 181 -12.98 2.85 0.42
C CYS B 181 -12.81 4.22 1.03
N ALA B 182 -13.81 5.08 0.84
CA ALA B 182 -13.87 6.37 1.48
C ALA B 182 -14.92 6.26 2.59
N MET B 183 -14.49 6.56 3.82
CA MET B 183 -15.27 6.38 5.03
C MET B 183 -15.48 7.69 5.78
N GLU B 184 -16.74 8.03 6.05
CA GLU B 184 -17.06 9.12 6.95
C GLU B 184 -16.76 8.67 8.36
N VAL B 185 -15.96 9.45 9.09
CA VAL B 185 -15.61 9.17 10.46
C VAL B 185 -16.14 10.28 11.38
N SER B 186 -17.07 9.93 12.26
CA SER B 186 -17.63 10.86 13.25
C SER B 186 -16.73 11.04 14.46
N SER B 187 -16.78 12.22 15.09
CA SER B 187 -16.04 12.47 16.31
C SER B 187 -16.41 11.46 17.39
N HIS B 188 -17.70 11.14 17.49
CA HIS B 188 -18.22 10.15 18.43
C HIS B 188 -17.63 8.76 18.15
N GLY B 189 -17.61 8.37 16.87
CA GLY B 189 -16.98 7.14 16.41
C GLY B 189 -15.53 7.02 16.87
N LEU B 190 -14.74 8.09 16.65
CA LEU B 190 -13.34 8.15 17.08
C LEU B 190 -13.16 7.93 18.57
N VAL B 191 -13.91 8.71 19.37
CA VAL B 191 -13.82 8.67 20.82
C VAL B 191 -14.22 7.31 21.41
N GLN B 192 -15.15 6.62 20.75
CA GLN B 192 -15.61 5.29 21.20
C GLN B 192 -14.77 4.14 20.62
N HIS B 193 -13.67 4.49 19.94
CA HIS B 193 -12.68 3.53 19.43
C HIS B 193 -13.23 2.63 18.34
N ARG B 194 -14.17 3.15 17.57
CA ARG B 194 -14.83 2.38 16.50
C ARG B 194 -13.97 2.19 15.27
N VAL B 195 -12.91 2.99 15.13
CA VAL B 195 -11.96 2.87 14.04
C VAL B 195 -10.53 2.77 14.53
N ALA B 196 -10.36 2.38 15.80
CA ALA B 196 -9.06 2.42 16.45
C ALA B 196 -7.92 1.66 15.72
N ALA B 197 -8.21 0.47 15.18
CA ALA B 197 -7.17 -0.34 14.51
C ALA B 197 -7.15 -0.28 13.00
N LEU B 198 -7.94 0.62 12.41
CA LEU B 198 -7.97 0.74 10.96
C LEU B 198 -6.69 1.41 10.48
N LYS B 199 -6.11 0.86 9.42
CA LYS B 199 -4.99 1.45 8.73
C LYS B 199 -5.54 2.41 7.68
N PHE B 200 -5.61 3.69 8.04
CA PHE B 200 -6.03 4.70 7.08
C PHE B 200 -4.85 5.04 6.17
N ALA B 201 -5.07 4.96 4.86
CA ALA B 201 -4.11 5.47 3.88
C ALA B 201 -4.01 6.99 3.99
N ALA B 202 -5.14 7.64 4.23
CA ALA B 202 -5.17 9.07 4.39
C ALA B 202 -6.32 9.46 5.29
N SER B 203 -6.17 10.61 5.94
CA SER B 203 -7.17 11.22 6.80
C SER B 203 -7.39 12.66 6.36
N VAL B 204 -8.66 13.01 6.12
CA VAL B 204 -9.05 14.29 5.59
C VAL B 204 -9.85 15.03 6.64
N PHE B 205 -9.50 16.29 6.87
CA PHE B 205 -10.28 17.21 7.72
C PHE B 205 -10.91 18.29 6.86
N THR B 206 -12.25 18.36 6.89
CA THR B 206 -13.02 19.33 6.12
C THR B 206 -13.20 20.68 6.83
N ASN B 207 -13.75 20.63 8.05
CA ASN B 207 -14.12 21.82 8.85
C ASN B 207 -14.69 21.47 10.22
N LEU B 208 -14.75 22.47 11.11
CA LEU B 208 -15.24 22.34 12.49
C LEU B 208 -15.75 23.67 13.06
N ASP B 218 -11.45 25.03 28.79
CA ASP B 218 -12.09 23.83 28.24
C ASP B 218 -11.43 23.41 26.92
N MET B 219 -11.19 24.39 26.03
CA MET B 219 -10.53 24.14 24.74
C MET B 219 -9.23 23.34 24.90
N GLU B 220 -8.47 23.61 25.98
CA GLU B 220 -7.23 22.91 26.25
C GLU B 220 -7.45 21.42 26.49
N HIS B 221 -8.47 21.06 27.27
CA HIS B 221 -8.74 19.65 27.57
C HIS B 221 -9.22 18.91 26.34
N TYR B 222 -10.12 19.57 25.59
CA TYR B 222 -10.69 19.02 24.36
C TYR B 222 -9.61 18.69 23.34
N GLU B 223 -8.73 19.66 23.06
CA GLU B 223 -7.64 19.47 22.12
C GLU B 223 -6.65 18.41 22.61
N ALA B 224 -6.40 18.41 23.93
CA ALA B 224 -5.46 17.45 24.52
C ALA B 224 -5.96 16.02 24.32
N ALA B 225 -7.25 15.82 24.63
CA ALA B 225 -7.92 14.55 24.42
C ALA B 225 -7.88 14.12 22.95
N LYS B 226 -8.08 15.07 22.04
CA LYS B 226 -8.06 14.80 20.60
C LYS B 226 -6.66 14.44 20.08
N TRP B 227 -5.65 15.23 20.46
CA TRP B 227 -4.27 14.92 20.06
C TRP B 227 -3.85 13.52 20.55
N LEU B 228 -4.22 13.20 21.78
CA LEU B 228 -3.92 11.92 22.39
C LEU B 228 -4.50 10.80 21.52
N LEU B 229 -5.81 10.91 21.27
CA LEU B 229 -6.55 9.93 20.48
C LEU B 229 -5.96 9.81 19.08
N TYR B 230 -5.58 10.95 18.50
CA TYR B 230 -4.94 10.97 17.18
C TYR B 230 -3.64 10.18 17.17
N SER B 231 -2.83 10.39 18.21
CA SER B 231 -1.53 9.72 18.37
C SER B 231 -1.64 8.18 18.47
N GLU B 232 -2.82 7.70 18.87
CA GLU B 232 -3.10 6.27 18.96
C GLU B 232 -3.64 5.64 17.67
N HIS B 233 -4.00 6.46 16.68
CA HIS B 233 -4.55 5.97 15.41
C HIS B 233 -3.50 5.92 14.30
N HIS B 234 -3.76 5.08 13.28
CA HIS B 234 -2.95 5.01 12.07
C HIS B 234 -3.65 5.87 11.02
N CYS B 235 -3.26 7.14 10.96
CA CYS B 235 -3.99 8.14 10.19
C CYS B 235 -3.50 8.28 8.76
N GLY B 236 -2.31 7.74 8.48
CA GLY B 236 -1.71 7.85 7.16
C GLY B 236 -1.43 9.29 6.83
N GLN B 237 -1.56 9.65 5.54
CA GLN B 237 -1.34 11.02 5.11
C GLN B 237 -2.49 11.92 5.54
N ALA B 238 -2.14 13.06 6.13
CA ALA B 238 -3.11 14.02 6.63
C ALA B 238 -3.32 15.11 5.56
N ILE B 239 -4.58 15.33 5.20
CA ILE B 239 -5.00 16.34 4.25
C ILE B 239 -5.97 17.25 4.99
N ILE B 240 -5.62 18.53 5.12
CA ILE B 240 -6.33 19.45 6.02
C ILE B 240 -6.71 20.72 5.33
N ASN B 241 -7.97 21.12 5.52
CA ASN B 241 -8.47 22.40 5.08
C ASN B 241 -7.86 23.51 5.93
N ALA B 242 -6.94 24.27 5.31
CA ALA B 242 -6.30 25.41 5.97
C ALA B 242 -7.16 26.67 6.04
N ASP B 243 -8.34 26.64 5.40
CA ASP B 243 -9.27 27.75 5.47
C ASP B 243 -10.10 27.72 6.75
N ASP B 244 -10.03 26.59 7.46
CA ASP B 244 -10.70 26.41 8.75
C ASP B 244 -9.70 26.71 9.87
N GLU B 245 -10.15 27.50 10.86
CA GLU B 245 -9.33 27.87 12.02
C GLU B 245 -8.79 26.64 12.76
N VAL B 246 -9.63 25.62 12.95
CA VAL B 246 -9.21 24.37 13.60
C VAL B 246 -8.22 23.62 12.71
N GLY B 247 -8.49 23.57 11.40
CA GLY B 247 -7.55 23.03 10.44
C GLY B 247 -6.16 23.63 10.53
N ARG B 248 -6.06 24.95 10.70
CA ARG B 248 -4.77 25.62 10.85
C ARG B 248 -4.04 25.18 12.13
N ARG B 249 -4.78 24.96 13.21
CA ARG B 249 -4.22 24.46 14.46
C ARG B 249 -3.63 23.04 14.28
N TRP B 250 -4.33 22.17 13.55
CA TRP B 250 -3.84 20.81 13.23
C TRP B 250 -2.54 20.90 12.41
N LEU B 251 -2.59 21.70 11.33
CA LEU B 251 -1.44 21.92 10.43
C LEU B 251 -0.17 22.39 11.16
N ALA B 252 -0.36 23.23 12.18
CA ALA B 252 0.75 23.79 12.97
C ALA B 252 1.63 22.71 13.59
N LYS B 253 1.01 21.56 13.92
CA LYS B 253 1.68 20.45 14.58
C LYS B 253 1.98 19.25 13.68
N LEU B 254 1.60 19.34 12.39
CA LEU B 254 1.73 18.25 11.44
C LEU B 254 2.48 18.76 10.20
N PRO B 255 3.83 18.77 10.20
CA PRO B 255 4.59 19.32 9.07
C PRO B 255 4.53 18.46 7.80
N ASP B 256 4.17 17.18 7.92
CA ASP B 256 4.01 16.28 6.78
C ASP B 256 2.60 16.28 6.18
N ALA B 257 1.68 17.06 6.76
CA ALA B 257 0.29 17.16 6.30
C ALA B 257 0.26 18.00 5.04
N VAL B 258 -0.76 17.77 4.21
CA VAL B 258 -1.01 18.60 3.04
C VAL B 258 -2.00 19.70 3.41
N ALA B 259 -1.60 20.95 3.18
CA ALA B 259 -2.46 22.11 3.44
C ALA B 259 -3.26 22.42 2.16
N VAL B 260 -4.57 22.60 2.31
CA VAL B 260 -5.47 22.89 1.20
C VAL B 260 -6.22 24.19 1.49
N SER B 261 -6.23 25.11 0.51
CA SER B 261 -6.87 26.41 0.65
C SER B 261 -7.49 26.94 -0.65
N MET B 262 -8.60 27.67 -0.52
CA MET B 262 -9.12 28.49 -1.60
C MET B 262 -9.18 29.97 -1.18
N GLU B 263 -8.56 30.30 -0.03
CA GLU B 263 -8.63 31.64 0.58
C GLU B 263 -7.33 32.17 1.17
N ASP B 264 -6.19 31.87 0.55
CA ASP B 264 -4.90 32.46 0.91
C ASP B 264 -4.25 32.01 2.25
N HIS B 265 -4.60 30.81 2.73
CA HIS B 265 -4.08 30.33 4.02
C HIS B 265 -2.88 29.38 3.92
N ILE B 266 -2.48 29.00 2.70
CA ILE B 266 -1.22 28.29 2.49
C ILE B 266 -0.06 29.20 2.91
N ASN B 267 0.78 28.70 3.81
CA ASN B 267 2.01 29.37 4.20
C ASN B 267 3.20 28.63 3.60
N PRO B 268 3.70 29.06 2.41
CA PRO B 268 4.76 28.32 1.71
C PRO B 268 6.14 28.28 2.41
N ASN B 269 6.37 29.16 3.39
CA ASN B 269 7.60 29.13 4.21
C ASN B 269 7.84 27.76 4.88
N CYS B 270 6.78 26.97 5.03
CA CYS B 270 6.90 25.63 5.63
C CYS B 270 7.57 24.56 4.73
N HIS B 271 7.70 24.87 3.42
CA HIS B 271 8.20 23.94 2.38
C HIS B 271 7.48 22.58 2.38
N GLY B 272 6.21 22.58 2.81
CA GLY B 272 5.42 21.39 2.94
C GLY B 272 4.68 21.21 1.65
N ARG B 273 3.75 20.27 1.65
CA ARG B 273 2.91 20.01 0.51
C ARG B 273 1.64 20.83 0.64
N TRP B 274 1.20 21.40 -0.49
CA TRP B 274 0.02 22.25 -0.50
C TRP B 274 -0.71 22.24 -1.83
N LEU B 275 -1.96 22.74 -1.79
CA LEU B 275 -2.80 22.86 -2.94
C LEU B 275 -3.75 24.02 -2.68
N LYS B 276 -3.80 24.97 -3.62
CA LYS B 276 -4.62 26.15 -3.45
C LYS B 276 -5.33 26.56 -4.72
N ALA B 277 -6.61 26.88 -4.59
CA ALA B 277 -7.35 27.49 -5.68
C ALA B 277 -6.84 28.92 -5.80
N THR B 278 -6.38 29.32 -6.99
CA THR B 278 -5.92 30.67 -7.26
C THR B 278 -7.04 31.54 -7.83
N GLU B 279 -7.96 30.94 -8.60
CA GLU B 279 -9.15 31.60 -9.12
C GLU B 279 -10.29 30.61 -9.28
N VAL B 280 -11.51 31.04 -8.93
CA VAL B 280 -12.70 30.27 -9.18
C VAL B 280 -13.67 31.14 -9.93
N ASN B 281 -14.17 30.64 -11.05
CA ASN B 281 -15.30 31.24 -11.75
C ASN B 281 -16.56 30.39 -11.50
N TYR B 282 -17.51 30.93 -10.73
CA TYR B 282 -18.80 30.31 -10.44
C TYR B 282 -19.76 30.71 -11.55
N HIS B 283 -20.15 29.74 -12.37
CA HIS B 283 -20.98 29.98 -13.55
C HIS B 283 -22.26 29.17 -13.44
N ASP B 284 -23.07 29.16 -14.49
CA ASP B 284 -24.45 28.66 -14.38
C ASP B 284 -24.60 27.15 -14.33
N SER B 285 -23.50 26.41 -14.54
CA SER B 285 -23.52 24.94 -14.50
C SER B 285 -22.42 24.29 -13.67
N GLY B 286 -21.72 25.10 -12.86
CA GLY B 286 -20.64 24.62 -12.01
C GLY B 286 -19.61 25.68 -11.72
N ALA B 287 -18.36 25.25 -11.53
CA ALA B 287 -17.25 26.14 -11.22
C ALA B 287 -15.99 25.73 -11.96
N THR B 288 -15.33 26.72 -12.55
CA THR B 288 -14.05 26.56 -13.18
C THR B 288 -13.01 26.94 -12.13
N ILE B 289 -12.18 25.96 -11.76
CA ILE B 289 -11.25 26.10 -10.65
C ILE B 289 -9.83 26.06 -11.16
N ARG B 290 -9.11 27.17 -11.01
CA ARG B 290 -7.68 27.22 -11.32
C ARG B 290 -6.94 27.05 -10.02
N PHE B 291 -5.94 26.18 -10.02
CA PHE B 291 -5.20 25.86 -8.81
C PHE B 291 -3.72 25.67 -9.07
N SER B 292 -2.92 25.91 -8.01
N SER B 292 -2.92 25.91 -8.02
CA SER B 292 -1.51 25.56 -7.98
CA SER B 292 -1.51 25.55 -7.98
C SER B 292 -1.31 24.57 -6.83
C SER B 292 -1.33 24.55 -6.85
N SER B 293 -0.27 23.75 -6.94
CA SER B 293 0.05 22.75 -5.94
C SER B 293 1.50 22.33 -6.06
N SER B 294 2.00 21.66 -5.02
CA SER B 294 3.35 21.11 -5.05
C SER B 294 3.49 19.96 -6.07
N TRP B 295 2.38 19.46 -6.61
CA TRP B 295 2.40 18.47 -7.69
C TRP B 295 2.28 19.09 -9.07
N GLY B 296 2.12 20.41 -9.13
CA GLY B 296 1.87 21.13 -10.37
C GLY B 296 0.50 21.79 -10.39
N ASP B 297 0.25 22.49 -11.50
CA ASP B 297 -0.89 23.38 -11.65
C ASP B 297 -1.87 22.85 -12.67
N GLY B 298 -3.10 23.36 -12.61
CA GLY B 298 -4.13 22.92 -13.52
C GLY B 298 -5.41 23.72 -13.44
N GLU B 299 -6.39 23.24 -14.19
CA GLU B 299 -7.69 23.82 -14.25
C GLU B 299 -8.68 22.68 -14.30
N ILE B 300 -9.68 22.73 -13.41
CA ILE B 300 -10.73 21.73 -13.32
C ILE B 300 -12.08 22.38 -13.60
N GLU B 301 -12.90 21.72 -14.42
CA GLU B 301 -14.30 22.08 -14.63
C GLU B 301 -15.13 21.19 -13.69
N SER B 302 -15.57 21.77 -12.55
CA SER B 302 -16.42 21.08 -11.59
C SER B 302 -17.88 21.30 -11.94
N HIS B 303 -18.69 20.26 -11.82
CA HIS B 303 -20.13 20.35 -12.01
C HIS B 303 -20.87 20.42 -10.69
N LEU B 304 -20.13 20.71 -9.62
CA LEU B 304 -20.71 20.97 -8.29
C LEU B 304 -20.86 22.47 -8.05
N MET B 305 -21.78 22.82 -7.15
CA MET B 305 -22.15 24.20 -6.89
C MET B 305 -21.72 24.68 -5.51
N GLY B 306 -21.26 25.94 -5.45
CA GLY B 306 -20.93 26.64 -4.21
C GLY B 306 -19.47 26.53 -3.83
N ALA B 307 -19.03 27.40 -2.90
CA ALA B 307 -17.64 27.49 -2.46
C ALA B 307 -17.23 26.28 -1.61
N PHE B 308 -18.15 25.79 -0.79
CA PHE B 308 -17.89 24.65 0.09
C PHE B 308 -17.54 23.43 -0.75
N ASN B 309 -18.23 23.25 -1.89
CA ASN B 309 -17.94 22.15 -2.80
C ASN B 309 -16.65 22.30 -3.61
N VAL B 310 -16.19 23.53 -3.81
CA VAL B 310 -14.85 23.75 -4.33
C VAL B 310 -13.85 23.20 -3.30
N SER B 311 -14.03 23.57 -2.04
CA SER B 311 -13.19 23.12 -0.94
C SER B 311 -13.16 21.59 -0.85
N ASN B 312 -14.34 20.96 -0.89
CA ASN B 312 -14.47 19.51 -0.81
C ASN B 312 -13.74 18.82 -1.98
N LEU B 313 -13.92 19.38 -3.17
CA LEU B 313 -13.26 18.87 -4.36
C LEU B 313 -11.73 18.98 -4.25
N LEU B 314 -11.25 20.13 -3.79
CA LEU B 314 -9.83 20.38 -3.57
C LEU B 314 -9.23 19.41 -2.55
N LEU B 315 -9.98 19.14 -1.48
CA LEU B 315 -9.55 18.18 -0.48
C LEU B 315 -9.40 16.77 -1.10
N ALA B 316 -10.37 16.36 -1.91
CA ALA B 316 -10.33 15.06 -2.57
C ALA B 316 -9.13 14.99 -3.52
N LEU B 317 -8.93 16.05 -4.30
CA LEU B 317 -7.79 16.16 -5.23
C LEU B 317 -6.44 16.04 -4.50
N ALA B 318 -6.25 16.84 -3.45
CA ALA B 318 -5.04 16.81 -2.63
C ALA B 318 -4.78 15.42 -2.02
N THR B 319 -5.84 14.78 -1.53
CA THR B 319 -5.77 13.44 -0.99
C THR B 319 -5.24 12.43 -2.03
N LEU B 320 -5.84 12.44 -3.22
CA LEU B 320 -5.49 11.49 -4.25
C LEU B 320 -4.07 11.78 -4.80
N LEU B 321 -3.70 13.06 -4.89
CA LEU B 321 -2.33 13.44 -5.23
C LEU B 321 -1.32 12.90 -4.20
N ALA B 322 -1.62 13.10 -2.92
CA ALA B 322 -0.79 12.62 -1.81
C ALA B 322 -0.60 11.09 -1.82
N LEU B 323 -1.65 10.38 -2.23
CA LEU B 323 -1.63 8.93 -2.37
C LEU B 323 -0.94 8.45 -3.65
N GLY B 324 -0.57 9.38 -4.54
CA GLY B 324 0.24 9.10 -5.70
C GLY B 324 -0.51 8.88 -7.00
N TYR B 325 -1.79 9.29 -7.07
CA TYR B 325 -2.52 9.26 -8.33
C TYR B 325 -2.01 10.42 -9.17
N PRO B 326 -1.67 10.21 -10.46
CA PRO B 326 -1.03 11.25 -11.26
C PRO B 326 -1.96 12.44 -11.54
N LEU B 327 -1.42 13.65 -11.40
CA LEU B 327 -2.18 14.87 -11.64
C LEU B 327 -2.89 14.87 -13.01
N ALA B 328 -2.19 14.50 -14.08
CA ALA B 328 -2.77 14.57 -15.42
C ALA B 328 -4.02 13.70 -15.51
N ASP B 329 -4.00 12.53 -14.86
CA ASP B 329 -5.11 11.60 -14.89
C ASP B 329 -6.29 12.08 -14.05
N LEU B 330 -5.99 12.70 -12.91
CA LEU B 330 -7.01 13.36 -12.09
C LEU B 330 -7.71 14.46 -12.87
N LEU B 331 -6.92 15.32 -13.53
CA LEU B 331 -7.45 16.40 -14.37
C LEU B 331 -8.35 15.90 -15.50
N LYS B 332 -7.92 14.81 -16.15
CA LYS B 332 -8.65 14.20 -17.26
C LYS B 332 -10.03 13.67 -16.85
N THR B 333 -10.19 13.32 -15.57
CA THR B 333 -11.42 12.72 -15.06
C THR B 333 -12.33 13.62 -14.22
N ALA B 334 -11.85 14.83 -13.89
CA ALA B 334 -12.52 15.71 -12.95
C ALA B 334 -13.94 16.11 -13.40
N ALA B 335 -14.10 16.31 -14.72
CA ALA B 335 -15.36 16.71 -15.32
C ALA B 335 -16.47 15.65 -15.17
N ARG B 336 -16.07 14.41 -14.89
CA ARG B 336 -17.01 13.32 -14.69
C ARG B 336 -17.49 13.18 -13.26
N LEU B 337 -16.89 13.93 -12.33
CA LEU B 337 -17.32 13.95 -10.94
C LEU B 337 -18.72 14.55 -10.85
N GLN B 338 -19.61 13.89 -10.10
CA GLN B 338 -20.99 14.29 -10.02
C GLN B 338 -21.40 14.58 -8.58
N PRO B 339 -22.44 15.43 -8.38
CA PRO B 339 -22.92 15.71 -7.03
C PRO B 339 -23.57 14.50 -6.41
N VAL B 340 -23.67 14.49 -5.07
CA VAL B 340 -24.52 13.56 -4.38
C VAL B 340 -25.94 13.95 -4.77
N CYS B 341 -26.74 12.94 -5.13
CA CYS B 341 -28.11 13.12 -5.55
C CYS B 341 -28.84 14.05 -4.56
N GLY B 342 -29.45 15.11 -5.10
CA GLY B 342 -30.22 16.04 -4.29
C GLY B 342 -29.44 16.91 -3.34
N ARG B 343 -28.11 17.00 -3.54
CA ARG B 343 -27.25 17.91 -2.79
C ARG B 343 -26.63 18.93 -3.74
N MET B 344 -27.15 20.16 -3.66
CA MET B 344 -26.82 21.23 -4.58
C MET B 344 -26.69 20.68 -5.99
N GLU B 345 -27.69 19.92 -6.42
CA GLU B 345 -27.65 19.21 -7.69
C GLU B 345 -28.20 20.12 -8.77
N VAL B 346 -27.34 20.49 -9.73
CA VAL B 346 -27.67 21.45 -10.76
C VAL B 346 -28.35 20.78 -11.96
N PHE B 347 -29.33 21.47 -12.53
CA PHE B 347 -30.05 21.03 -13.70
C PHE B 347 -30.03 22.23 -14.63
N THR B 348 -29.57 22.01 -15.87
CA THR B 348 -29.50 23.07 -16.85
C THR B 348 -30.06 22.57 -18.16
N ALA B 349 -30.60 23.49 -18.94
CA ALA B 349 -30.98 23.22 -20.30
C ALA B 349 -30.64 24.50 -21.07
N PRO B 350 -30.20 24.36 -22.34
CA PRO B 350 -30.02 25.53 -23.22
C PRO B 350 -31.15 26.53 -23.08
N GLY B 351 -30.80 27.78 -22.78
CA GLY B 351 -31.73 28.90 -22.75
C GLY B 351 -32.81 28.87 -21.69
N LYS B 352 -32.54 28.18 -20.56
CA LYS B 352 -33.46 28.09 -19.43
C LYS B 352 -32.76 28.56 -18.16
N PRO B 353 -33.50 28.96 -17.09
CA PRO B 353 -32.88 29.24 -15.80
C PRO B 353 -32.12 28.02 -15.31
N THR B 354 -31.04 28.24 -14.58
CA THR B 354 -30.37 27.16 -13.84
C THR B 354 -31.24 26.78 -12.66
N VAL B 355 -31.44 25.48 -12.46
CA VAL B 355 -32.22 25.00 -11.31
C VAL B 355 -31.33 24.08 -10.46
N VAL B 356 -31.37 24.29 -9.15
CA VAL B 356 -30.59 23.52 -8.17
C VAL B 356 -31.59 22.87 -7.23
N VAL B 357 -31.49 21.53 -7.07
CA VAL B 357 -32.31 20.79 -6.13
C VAL B 357 -31.39 20.47 -4.94
N ASP B 358 -31.83 20.89 -3.75
CA ASP B 358 -31.06 20.65 -2.53
C ASP B 358 -31.98 20.22 -1.42
N TYR B 359 -31.48 19.37 -0.53
CA TYR B 359 -32.30 18.85 0.53
C TYR B 359 -32.46 19.79 1.73
N ALA B 360 -31.77 20.93 1.71
CA ALA B 360 -31.82 21.94 2.79
C ALA B 360 -33.22 22.06 3.36
N HIS B 361 -33.37 21.74 4.66
CA HIS B 361 -34.68 21.83 5.32
C HIS B 361 -34.62 22.42 6.73
N THR B 362 -33.58 23.20 7.02
CA THR B 362 -33.38 23.89 8.27
C THR B 362 -32.90 25.30 7.93
N PRO B 363 -33.06 26.30 8.84
CA PRO B 363 -32.62 27.66 8.55
C PRO B 363 -31.16 27.75 8.11
N ASP B 364 -30.27 27.08 8.85
N ASP B 364 -30.28 27.09 8.88
CA ASP B 364 -28.84 27.09 8.58
CA ASP B 364 -28.85 27.05 8.59
C ASP B 364 -28.51 26.50 7.20
C ASP B 364 -28.55 26.53 7.19
N ALA B 365 -29.10 25.35 6.87
CA ALA B 365 -28.85 24.68 5.60
C ALA B 365 -29.42 25.46 4.40
N LEU B 366 -30.58 26.09 4.60
CA LEU B 366 -31.19 26.92 3.56
C LEU B 366 -30.33 28.15 3.28
N GLU B 367 -29.86 28.80 4.34
CA GLU B 367 -28.99 29.96 4.23
C GLU B 367 -27.75 29.60 3.41
N LYS B 368 -27.10 28.50 3.79
CA LYS B 368 -25.94 27.97 3.07
C LYS B 368 -26.21 27.66 1.59
N ALA B 369 -27.33 26.97 1.31
CA ALA B 369 -27.70 26.58 -0.04
C ALA B 369 -27.98 27.82 -0.91
N LEU B 370 -28.65 28.83 -0.34
CA LEU B 370 -28.91 30.10 -1.04
C LEU B 370 -27.61 30.91 -1.30
N GLN B 371 -26.73 31.00 -0.28
CA GLN B 371 -25.45 31.67 -0.43
C GLN B 371 -24.61 30.98 -1.53
N ALA B 372 -24.65 29.65 -1.55
CA ALA B 372 -23.96 28.84 -2.56
C ALA B 372 -24.53 29.11 -3.95
N ALA B 373 -25.87 29.05 -4.07
CA ALA B 373 -26.57 29.31 -5.32
C ALA B 373 -26.29 30.70 -5.85
N ARG B 374 -26.27 31.69 -4.95
CA ARG B 374 -26.07 33.10 -5.30
C ARG B 374 -24.79 33.31 -6.12
N LEU B 375 -23.73 32.57 -5.77
CA LEU B 375 -22.43 32.68 -6.45
C LEU B 375 -22.51 32.38 -7.95
N HIS B 376 -23.42 31.48 -8.32
CA HIS B 376 -23.61 31.04 -9.69
C HIS B 376 -24.69 31.82 -10.44
N CYS B 377 -25.25 32.85 -9.80
CA CYS B 377 -26.46 33.52 -10.26
C CYS B 377 -26.17 34.95 -10.71
N ALA B 378 -26.25 35.18 -12.02
CA ALA B 378 -26.07 36.51 -12.60
C ALA B 378 -27.34 37.36 -12.50
N GLY B 379 -28.51 36.69 -12.54
CA GLY B 379 -29.79 37.33 -12.49
C GLY B 379 -30.38 37.34 -11.09
N LYS B 380 -31.64 36.92 -10.99
CA LYS B 380 -32.37 36.83 -9.73
C LYS B 380 -32.32 35.40 -9.20
N LEU B 381 -32.26 35.29 -7.87
CA LEU B 381 -32.25 34.00 -7.17
C LEU B 381 -33.65 33.75 -6.60
N TRP B 382 -34.28 32.66 -7.07
CA TRP B 382 -35.58 32.19 -6.59
C TRP B 382 -35.35 31.07 -5.60
N CYS B 383 -36.22 30.99 -4.58
CA CYS B 383 -36.20 29.91 -3.60
C CYS B 383 -37.59 29.33 -3.45
N VAL B 384 -37.76 28.07 -3.84
CA VAL B 384 -39.02 27.35 -3.69
C VAL B 384 -38.84 26.40 -2.52
N PHE B 385 -39.71 26.50 -1.53
CA PHE B 385 -39.59 25.72 -0.31
C PHE B 385 -40.89 25.74 0.49
N GLY B 386 -40.96 24.81 1.44
CA GLY B 386 -42.05 24.67 2.39
C GLY B 386 -41.47 24.05 3.63
N CYS B 387 -42.33 23.70 4.58
CA CYS B 387 -41.94 23.08 5.84
C CYS B 387 -42.88 21.93 6.16
N GLY B 388 -42.34 20.87 6.76
CA GLY B 388 -43.09 19.68 7.09
C GLY B 388 -44.16 19.97 8.09
N GLY B 389 -45.32 19.34 7.91
CA GLY B 389 -46.44 19.42 8.83
C GLY B 389 -46.27 18.47 10.00
N ASP B 390 -47.01 18.74 11.08
CA ASP B 390 -47.05 17.94 12.31
C ASP B 390 -45.69 17.76 12.98
N ARG B 391 -44.73 18.66 12.72
CA ARG B 391 -43.43 18.58 13.37
C ARG B 391 -42.52 19.76 13.05
N ASP B 392 -41.49 19.90 13.90
CA ASP B 392 -40.45 20.93 13.78
C ASP B 392 -41.00 22.28 13.32
N LYS B 393 -41.89 22.86 14.16
CA LYS B 393 -42.69 24.04 13.81
C LYS B 393 -41.96 25.36 14.04
N GLY B 394 -40.99 25.32 14.97
CA GLY B 394 -40.24 26.51 15.37
C GLY B 394 -39.44 27.12 14.23
N LYS B 395 -38.92 26.25 13.36
CA LYS B 395 -38.08 26.65 12.24
C LYS B 395 -38.84 27.44 11.15
N ARG B 396 -40.17 27.34 11.13
CA ARG B 396 -40.99 27.90 10.04
C ARG B 396 -40.73 29.38 9.79
N PRO B 397 -40.93 30.28 10.78
CA PRO B 397 -40.68 31.71 10.55
C PRO B 397 -39.20 32.01 10.24
N LEU B 398 -38.28 31.19 10.77
CA LEU B 398 -36.84 31.36 10.55
C LEU B 398 -36.50 31.06 9.08
N MET B 399 -37.04 29.97 8.55
N MET B 399 -37.04 29.94 8.58
CA MET B 399 -36.86 29.64 7.14
CA MET B 399 -36.98 29.56 7.16
C MET B 399 -37.49 30.70 6.21
C MET B 399 -37.47 30.70 6.27
N GLY B 400 -38.62 31.27 6.63
CA GLY B 400 -39.22 32.38 5.93
C GLY B 400 -38.29 33.58 5.85
N ALA B 401 -37.68 33.92 6.99
CA ALA B 401 -36.80 35.08 7.10
C ALA B 401 -35.56 34.87 6.22
N ILE B 402 -35.02 33.65 6.23
CA ILE B 402 -33.85 33.27 5.46
C ILE B 402 -34.12 33.37 3.96
N ALA B 403 -35.23 32.78 3.51
CA ALA B 403 -35.63 32.86 2.10
C ALA B 403 -35.79 34.30 1.63
N GLU B 404 -36.39 35.12 2.48
CA GLU B 404 -36.57 36.53 2.17
C GLU B 404 -35.25 37.29 2.11
N GLU B 405 -34.34 37.03 3.05
CA GLU B 405 -33.06 37.74 3.10
C GLU B 405 -32.12 37.33 1.96
N PHE B 406 -31.94 36.02 1.77
CA PHE B 406 -30.91 35.48 0.87
C PHE B 406 -31.35 35.10 -0.54
N ALA B 407 -32.66 35.14 -0.81
CA ALA B 407 -33.20 35.04 -2.17
C ALA B 407 -33.81 36.37 -2.60
N ASP B 408 -34.00 36.54 -3.91
CA ASP B 408 -34.71 37.71 -4.47
C ASP B 408 -36.21 37.44 -4.57
N VAL B 409 -36.58 36.19 -4.88
CA VAL B 409 -37.98 35.77 -4.88
C VAL B 409 -38.17 34.50 -4.06
N ALA B 410 -39.03 34.57 -3.06
CA ALA B 410 -39.43 33.43 -2.23
C ALA B 410 -40.74 32.87 -2.79
N VAL B 411 -40.73 31.59 -3.15
CA VAL B 411 -41.95 30.87 -3.52
C VAL B 411 -42.28 29.84 -2.44
N VAL B 412 -43.29 30.16 -1.61
CA VAL B 412 -43.64 29.33 -0.46
C VAL B 412 -44.72 28.33 -0.87
N THR B 413 -44.43 27.05 -0.67
CA THR B 413 -45.29 25.97 -1.08
C THR B 413 -45.31 24.91 0.00
N ASP B 414 -45.80 23.71 -0.35
CA ASP B 414 -45.94 22.58 0.56
C ASP B 414 -44.72 21.68 0.51
N ASP B 415 -44.48 21.00 1.64
CA ASP B 415 -43.43 20.02 1.81
C ASP B 415 -43.84 19.04 2.92
N ASN B 416 -44.32 17.86 2.54
CA ASN B 416 -44.84 16.86 3.47
C ASN B 416 -45.74 17.49 4.53
N PRO B 417 -46.91 18.03 4.14
CA PRO B 417 -47.84 18.64 5.10
C PRO B 417 -48.43 17.67 6.12
N ARG B 418 -48.31 16.35 5.87
CA ARG B 418 -48.88 15.32 6.74
C ARG B 418 -50.36 15.60 7.00
N THR B 419 -50.81 15.62 8.26
CA THR B 419 -52.23 15.87 8.58
C THR B 419 -52.57 17.34 8.86
N GLU B 420 -51.54 18.19 8.89
CA GLU B 420 -51.72 19.61 9.15
C GLU B 420 -52.25 20.37 7.93
N GLU B 421 -53.07 21.39 8.19
CA GLU B 421 -53.62 22.22 7.14
C GLU B 421 -52.46 22.88 6.41
N PRO B 422 -52.26 22.61 5.10
CA PRO B 422 -51.11 23.15 4.38
C PRO B 422 -50.98 24.69 4.50
N ARG B 423 -52.09 25.41 4.34
CA ARG B 423 -52.10 26.87 4.46
C ARG B 423 -51.61 27.38 5.84
N ALA B 424 -51.88 26.62 6.91
CA ALA B 424 -51.46 26.97 8.27
C ALA B 424 -49.93 26.97 8.37
N ILE B 425 -49.32 25.98 7.73
CA ILE B 425 -47.87 25.87 7.68
C ILE B 425 -47.28 27.07 6.95
N ILE B 426 -47.82 27.36 5.76
CA ILE B 426 -47.39 28.49 4.95
C ILE B 426 -47.51 29.80 5.73
N ASN B 427 -48.62 29.99 6.46
CA ASN B 427 -48.78 31.18 7.29
C ASN B 427 -47.70 31.36 8.38
N ASP B 428 -47.32 30.25 9.03
CA ASP B 428 -46.22 30.25 10.02
C ASP B 428 -44.88 30.68 9.43
N ILE B 429 -44.66 30.30 8.16
CA ILE B 429 -43.48 30.69 7.40
C ILE B 429 -43.48 32.17 7.10
N LEU B 430 -44.59 32.66 6.52
CA LEU B 430 -44.78 34.07 6.16
C LEU B 430 -44.68 35.04 7.36
N ALA B 431 -45.13 34.57 8.53
CA ALA B 431 -45.02 35.29 9.80
C ALA B 431 -43.60 35.77 10.08
N GLY B 432 -42.62 35.01 9.58
CA GLY B 432 -41.21 35.32 9.78
C GLY B 432 -40.64 36.38 8.85
N MET B 433 -41.41 36.82 7.85
CA MET B 433 -40.93 37.75 6.84
C MET B 433 -41.30 39.19 7.13
N LEU B 434 -40.40 40.10 6.74
CA LEU B 434 -40.61 41.55 6.84
C LEU B 434 -41.63 42.01 5.81
N ASP B 435 -41.63 41.35 4.64
CA ASP B 435 -42.49 41.75 3.52
C ASP B 435 -43.06 40.50 2.86
N ALA B 436 -43.95 39.82 3.59
CA ALA B 436 -44.62 38.60 3.15
C ALA B 436 -45.42 38.84 1.90
N GLY B 437 -45.90 40.08 1.70
CA GLY B 437 -46.58 40.48 0.48
C GLY B 437 -45.77 40.32 -0.79
N HIS B 438 -44.43 40.33 -0.66
CA HIS B 438 -43.50 40.19 -1.78
C HIS B 438 -43.26 38.70 -2.17
N ALA B 439 -43.56 37.79 -1.24
CA ALA B 439 -43.43 36.35 -1.44
C ALA B 439 -44.55 35.84 -2.35
N LYS B 440 -44.22 34.85 -3.18
CA LYS B 440 -45.21 34.15 -3.98
C LYS B 440 -45.61 32.93 -3.19
N VAL B 441 -46.92 32.72 -3.03
CA VAL B 441 -47.44 31.59 -2.30
C VAL B 441 -48.21 30.76 -3.30
N MET B 442 -47.89 29.46 -3.38
CA MET B 442 -48.62 28.55 -4.23
C MET B 442 -48.63 27.17 -3.63
N GLU B 443 -49.83 26.66 -3.33
CA GLU B 443 -50.04 25.29 -2.88
C GLU B 443 -50.10 24.37 -4.09
N GLY B 444 -49.62 23.14 -3.89
CA GLY B 444 -49.29 22.24 -4.96
C GLY B 444 -47.82 22.52 -5.18
N ARG B 445 -46.96 21.62 -4.68
CA ARG B 445 -45.52 21.81 -4.77
C ARG B 445 -45.06 21.80 -6.22
N ALA B 446 -45.57 20.84 -6.98
CA ALA B 446 -45.23 20.74 -8.41
C ALA B 446 -45.56 22.06 -9.15
N GLU B 447 -46.72 22.62 -8.84
CA GLU B 447 -47.16 23.87 -9.46
C GLU B 447 -46.25 25.06 -9.06
N ALA B 448 -45.83 25.09 -7.79
CA ALA B 448 -44.92 26.13 -7.26
C ALA B 448 -43.56 26.05 -7.91
N VAL B 449 -43.04 24.83 -8.07
CA VAL B 449 -41.77 24.63 -8.77
C VAL B 449 -41.89 25.16 -10.19
N THR B 450 -42.97 24.77 -10.86
CA THR B 450 -43.26 25.19 -12.22
C THR B 450 -43.38 26.73 -12.31
N CYS B 451 -44.10 27.33 -11.36
CA CYS B 451 -44.19 28.78 -11.25
C CYS B 451 -42.80 29.45 -11.34
N ALA B 452 -41.86 29.02 -10.49
CA ALA B 452 -40.53 29.58 -10.45
C ALA B 452 -39.75 29.34 -11.73
N VAL B 453 -39.76 28.09 -12.20
CA VAL B 453 -38.97 27.67 -13.34
C VAL B 453 -39.42 28.39 -14.62
N MET B 454 -40.73 28.50 -14.80
CA MET B 454 -41.31 29.10 -16.01
C MET B 454 -41.31 30.63 -15.99
N GLN B 455 -41.32 31.24 -14.79
CA GLN B 455 -41.23 32.70 -14.67
C GLN B 455 -39.79 33.21 -14.67
N ALA B 456 -38.86 32.42 -14.11
CA ALA B 456 -37.47 32.85 -13.99
C ALA B 456 -36.84 33.09 -15.37
N LYS B 457 -36.02 34.13 -15.47
CA LYS B 457 -35.27 34.45 -16.70
C LYS B 457 -34.08 33.53 -16.91
N GLU B 458 -33.45 33.66 -18.09
CA GLU B 458 -32.39 32.77 -18.53
C GLU B 458 -31.17 32.78 -17.62
N ASN B 459 -30.86 33.94 -17.06
CA ASN B 459 -29.67 34.06 -16.20
C ASN B 459 -30.02 34.03 -14.71
N ASP B 460 -31.23 33.56 -14.39
CA ASP B 460 -31.68 33.41 -13.02
C ASP B 460 -31.29 32.01 -12.56
N VAL B 461 -31.35 31.80 -11.25
CA VAL B 461 -31.13 30.50 -10.63
C VAL B 461 -32.33 30.27 -9.72
N VAL B 462 -32.93 29.08 -9.82
CA VAL B 462 -34.00 28.67 -8.93
C VAL B 462 -33.49 27.54 -8.03
N LEU B 463 -33.49 27.78 -6.71
CA LEU B 463 -33.19 26.74 -5.73
C LEU B 463 -34.50 26.13 -5.31
N VAL B 464 -34.60 24.81 -5.45
CA VAL B 464 -35.74 24.04 -4.98
C VAL B 464 -35.23 23.24 -3.80
N ALA B 465 -35.63 23.68 -2.59
CA ALA B 465 -35.10 23.21 -1.32
C ALA B 465 -36.10 22.36 -0.54
N GLY B 466 -35.58 21.37 0.19
CA GLY B 466 -36.35 20.66 1.20
C GLY B 466 -36.44 19.16 1.04
N LYS B 467 -36.29 18.68 -0.20
CA LYS B 467 -36.52 17.27 -0.48
C LYS B 467 -35.30 16.54 -0.96
N GLY B 468 -34.46 17.22 -1.75
CA GLY B 468 -33.27 16.64 -2.33
C GLY B 468 -33.61 15.44 -3.20
N HIS B 469 -33.16 14.25 -2.76
CA HIS B 469 -33.31 12.99 -3.48
C HIS B 469 -34.69 12.35 -3.32
N GLU B 470 -35.45 12.82 -2.33
CA GLU B 470 -36.70 12.18 -1.94
C GLU B 470 -37.72 12.19 -3.09
N ASP B 471 -38.46 11.09 -3.20
CA ASP B 471 -39.37 10.86 -4.31
C ASP B 471 -40.83 10.69 -3.83
N TYR B 472 -41.15 11.37 -2.73
CA TYR B 472 -42.49 11.35 -2.15
C TYR B 472 -42.88 12.67 -1.52
N GLN B 473 -44.20 12.90 -1.44
CA GLN B 473 -44.84 13.98 -0.70
C GLN B 473 -45.87 13.34 0.25
N ILE B 474 -45.68 13.53 1.56
CA ILE B 474 -46.57 12.95 2.56
C ILE B 474 -47.77 13.85 2.79
N VAL B 475 -48.93 13.44 2.27
CA VAL B 475 -50.20 14.16 2.37
C VAL B 475 -51.21 13.28 3.12
N GLY B 476 -51.52 13.67 4.36
CA GLY B 476 -52.26 12.85 5.31
C GLY B 476 -51.26 11.95 6.00
N ASN B 477 -51.37 10.63 5.78
CA ASN B 477 -50.34 9.67 6.18
C ASN B 477 -49.85 8.85 4.98
N GLN B 478 -50.17 9.32 3.77
CA GLN B 478 -49.90 8.63 2.51
C GLN B 478 -48.69 9.23 1.79
N ARG B 479 -47.85 8.36 1.24
CA ARG B 479 -46.70 8.75 0.45
C ARG B 479 -47.10 8.79 -1.02
N LEU B 480 -47.49 9.97 -1.47
CA LEU B 480 -47.79 10.20 -2.89
C LEU B 480 -46.47 10.30 -3.63
N ASP B 481 -46.43 9.72 -4.84
CA ASP B 481 -45.24 9.79 -5.69
C ASP B 481 -45.08 11.21 -6.18
N TYR B 482 -43.96 11.82 -5.80
CA TYR B 482 -43.56 13.14 -6.23
C TYR B 482 -42.04 13.29 -6.09
N SER B 483 -41.38 13.82 -7.13
CA SER B 483 -39.96 14.12 -7.10
C SER B 483 -39.71 15.54 -7.60
N ASP B 484 -38.98 16.35 -6.81
CA ASP B 484 -38.50 17.66 -7.27
C ASP B 484 -37.62 17.48 -8.50
N ARG B 485 -36.78 16.44 -8.46
CA ARG B 485 -35.81 16.18 -9.52
C ARG B 485 -36.50 15.88 -10.85
N VAL B 486 -37.52 15.02 -10.80
CA VAL B 486 -38.28 14.62 -11.97
C VAL B 486 -39.05 15.83 -12.51
N THR B 487 -39.68 16.58 -11.61
CA THR B 487 -40.47 17.76 -11.99
C THR B 487 -39.58 18.77 -12.74
N VAL B 488 -38.39 19.04 -12.17
CA VAL B 488 -37.46 20.01 -12.71
C VAL B 488 -36.91 19.54 -14.08
N ALA B 489 -36.50 18.28 -14.15
CA ALA B 489 -35.97 17.66 -15.37
C ALA B 489 -36.95 17.77 -16.54
N ARG B 490 -38.20 17.40 -16.27
CA ARG B 490 -39.29 17.45 -17.24
C ARG B 490 -39.56 18.88 -17.71
N LEU B 491 -39.56 19.85 -16.78
CA LEU B 491 -39.74 21.26 -17.16
C LEU B 491 -38.61 21.77 -18.06
N LEU B 492 -37.38 21.36 -17.78
CA LEU B 492 -36.21 21.77 -18.56
C LEU B 492 -36.01 20.95 -19.85
N GLY B 493 -36.80 19.89 -20.04
CA GLY B 493 -36.66 19.00 -21.19
C GLY B 493 -35.40 18.16 -21.14
N VAL B 494 -34.95 17.84 -19.93
CA VAL B 494 -33.77 17.01 -19.72
C VAL B 494 -34.20 15.75 -18.97
N ILE B 495 -33.23 14.89 -18.64
CA ILE B 495 -33.46 13.63 -17.94
C ILE B 495 -32.81 13.75 -16.56
N ALA B 496 -33.59 13.48 -15.52
CA ALA B 496 -33.12 13.54 -14.14
C ALA B 496 -32.07 12.46 -13.95
CAA WZD C . -9.30 12.64 16.44
CAB WZD C . -8.73 11.49 16.94
CAC WZD C . -8.11 10.53 16.11
CAD WZD C . -8.04 10.69 14.75
CAE WZD C . -8.61 11.85 14.20
CAF WZD C . -9.24 12.81 15.06
CAH WZD C . -9.40 13.44 12.92
CAK WZD C . -9.17 14.01 10.51
CAL WZD C . -7.90 14.72 10.34
CAN WZD C . -6.18 15.38 9.16
CAO WZD C . -5.93 15.79 10.44
CAP WZD C . -7.05 15.37 11.22
NAG WZD C . -8.71 12.26 12.86
NAI WZD C . -9.74 13.81 14.23
NAJ WZD C . -9.79 14.24 11.83
OAM WZD C . -7.38 14.73 9.07
C1 IPA D . -9.91 9.49 9.92
C2 IPA D . -8.74 9.10 10.76
C3 IPA D . -9.06 8.29 11.97
O2 IPA D . -8.03 10.29 11.15
#